data_1YF2
#
_entry.id   1YF2
#
_cell.length_a   71.972
_cell.length_b   94.222
_cell.length_c   103.520
_cell.angle_alpha   90.00
_cell.angle_beta   95.01
_cell.angle_gamma   90.00
#
_symmetry.space_group_name_H-M   'P 1 21 1'
#
loop_
_entity.id
_entity.type
_entity.pdbx_description
1 polymer 'Type I restriction-modification enzyme, S subunit'
2 water water
#
_entity_poly.entity_id   1
_entity_poly.type   'polypeptide(L)'
_entity_poly.pdbx_seq_one_letter_code
;MFYKEENFKKTEIGEIPEDWEIVELKDVCKKIKAGGTPKTSVEEYYKNGTIPFVKIEDITNSNKYLTNTKIKITEEGLNN
SNAWIVPKNSVLFAMYGSIGETAINKIEVATNQAILGIIPKDNILESEFLYYILAKNKNYYSKLGMQTTQKNLNAQIVKS
FKIPLPPLEEQKQIAKILTKIDEGIEIIEKSINKLERIKKGLMHKLLTKGIGHSRFKKSEIGEIPEDWEVFEIKDIFEVK
TGTTPSTKKSEYWENGEINWITPLDLSRLNEKIYIGSSERKVTKIALEKCNLNLIPKGSIIISTRAPVGYVAVLTVESTF
NQGCKGLFQKNNDSVNTEFYAYYLKFKKNLLENLSGGSTFKELSKSMLENFKIPLPPLEEQKQIAKILSSVDKSIELKKQ
KKEKLQRMKKKIMELLLTGKVRVKT
;
_entity_poly.pdbx_strand_id   A,B
#
# COMPACT_ATOMS: atom_id res chain seq x y z
N MET A 1 7.13 -0.48 34.58
CA MET A 1 6.70 0.95 34.50
C MET A 1 7.79 1.84 33.95
N PHE A 2 7.45 3.11 33.73
CA PHE A 2 8.40 4.10 33.22
C PHE A 2 8.42 5.38 34.07
N TYR A 3 9.56 5.64 34.69
CA TYR A 3 9.75 6.82 35.52
C TYR A 3 9.49 8.04 34.66
N LYS A 4 8.37 8.71 34.91
CA LYS A 4 8.02 9.89 34.13
C LYS A 4 8.84 11.10 34.57
N GLU A 5 8.54 11.61 35.77
CA GLU A 5 9.24 12.77 36.32
C GLU A 5 10.75 12.53 36.24
N GLU A 6 11.50 13.62 36.08
CA GLU A 6 12.96 13.53 35.98
C GLU A 6 13.63 14.00 37.27
N ASN A 7 12.86 14.64 38.14
CA ASN A 7 13.37 15.13 39.41
C ASN A 7 14.56 16.06 39.17
N PHE A 8 15.43 16.16 40.16
CA PHE A 8 16.64 16.99 40.06
C PHE A 8 17.73 16.13 39.42
N LYS A 9 18.88 16.73 39.15
CA LYS A 9 19.94 15.96 38.52
C LYS A 9 21.27 16.70 38.49
N LYS A 10 22.35 15.94 38.43
CA LYS A 10 23.72 16.47 38.39
C LYS A 10 23.98 17.17 37.07
N THR A 11 25.25 17.30 36.70
CA THR A 11 25.60 17.94 35.43
C THR A 11 27.11 17.97 35.21
N GLU A 12 27.68 16.83 34.86
CA GLU A 12 29.11 16.73 34.60
C GLU A 12 29.36 16.49 33.12
N ILE A 13 29.00 15.29 32.66
CA ILE A 13 29.15 14.93 31.26
C ILE A 13 27.81 15.18 30.59
N GLY A 14 27.04 16.09 31.19
CA GLY A 14 25.73 16.44 30.67
C GLY A 14 24.67 16.22 31.73
N GLU A 15 23.46 16.67 31.46
CA GLU A 15 22.37 16.51 32.40
C GLU A 15 22.20 15.05 32.79
N ILE A 16 22.67 14.70 33.99
CA ILE A 16 22.57 13.33 34.50
C ILE A 16 21.76 13.30 35.79
N PRO A 17 20.88 12.31 35.96
CA PRO A 17 20.04 12.18 37.15
C PRO A 17 20.79 11.81 38.44
N GLU A 18 20.11 12.00 39.56
CA GLU A 18 20.66 11.71 40.88
C GLU A 18 21.41 10.39 40.95
N ASP A 19 20.69 9.29 40.84
CA ASP A 19 21.26 7.96 40.90
C ASP A 19 22.48 7.76 40.02
N TRP A 20 22.46 8.32 38.81
CA TRP A 20 23.58 8.17 37.89
C TRP A 20 24.89 8.67 38.50
N GLU A 21 26.00 8.01 38.18
CA GLU A 21 27.31 8.37 38.68
C GLU A 21 28.34 8.41 37.53
N ILE A 22 28.66 9.60 37.05
CA ILE A 22 29.63 9.73 35.98
C ILE A 22 30.93 9.03 36.39
N VAL A 23 31.23 7.90 35.75
CA VAL A 23 32.44 7.14 36.05
C VAL A 23 33.31 7.00 34.82
N GLU A 24 34.60 6.70 35.04
CA GLU A 24 35.52 6.52 33.91
C GLU A 24 35.51 5.08 33.44
N LEU A 25 35.52 4.92 32.12
CA LEU A 25 35.47 3.60 31.51
C LEU A 25 36.46 2.64 32.15
N LYS A 26 37.65 3.12 32.48
CA LYS A 26 38.68 2.26 33.08
C LYS A 26 38.35 1.85 34.51
N ASP A 27 37.65 2.73 35.22
CA ASP A 27 37.26 2.45 36.58
C ASP A 27 36.11 1.45 36.67
N VAL A 28 35.36 1.27 35.58
CA VAL A 28 34.23 0.33 35.58
C VAL A 28 34.52 -0.92 34.75
N CYS A 29 35.70 -0.94 34.12
CA CYS A 29 36.13 -2.07 33.31
C CYS A 29 37.35 -2.69 33.95
N LYS A 30 37.41 -4.02 33.90
CA LYS A 30 38.55 -4.72 34.48
C LYS A 30 39.68 -4.98 33.48
N LYS A 31 39.47 -4.61 32.22
CA LYS A 31 40.50 -4.80 31.21
C LYS A 31 40.20 -4.04 29.92
N ILE A 32 41.09 -3.10 29.57
CA ILE A 32 40.94 -2.30 28.36
C ILE A 32 42.29 -2.28 27.61
N LYS A 33 42.60 -3.37 26.91
CA LYS A 33 43.86 -3.44 26.18
C LYS A 33 43.63 -3.64 24.70
N ALA A 34 44.59 -3.20 23.89
CA ALA A 34 44.51 -3.36 22.44
C ALA A 34 45.02 -4.76 22.03
N GLY A 35 44.83 -5.11 20.77
CA GLY A 35 45.29 -6.40 20.31
C GLY A 35 46.64 -6.28 19.65
N GLY A 36 46.96 -7.24 18.78
CA GLY A 36 48.22 -7.21 18.08
C GLY A 36 48.17 -8.02 16.81
N THR A 37 49.11 -7.79 15.91
CA THR A 37 49.18 -8.52 14.64
C THR A 37 50.47 -9.33 14.55
N PRO A 38 50.37 -10.67 14.64
CA PRO A 38 51.55 -11.53 14.56
C PRO A 38 52.23 -11.42 13.19
N LYS A 39 53.55 -11.60 13.16
CA LYS A 39 54.33 -11.52 11.94
C LYS A 39 53.59 -12.20 10.79
N THR A 40 52.91 -11.38 9.99
CA THR A 40 52.14 -11.88 8.86
C THR A 40 52.95 -12.70 7.88
N SER A 41 54.28 -12.57 7.96
CA SER A 41 55.18 -13.29 7.08
C SER A 41 55.39 -14.75 7.50
N VAL A 42 55.00 -15.05 8.74
CA VAL A 42 55.14 -16.40 9.29
C VAL A 42 53.87 -17.19 9.08
N GLU A 43 53.98 -18.31 8.37
CA GLU A 43 52.84 -19.14 8.08
C GLU A 43 52.30 -19.90 9.28
N GLU A 44 53.18 -20.24 10.22
CA GLU A 44 52.79 -20.98 11.41
C GLU A 44 51.90 -20.16 12.37
N TYR A 45 51.72 -18.87 12.07
CA TYR A 45 50.89 -18.01 12.90
C TYR A 45 49.44 -17.97 12.44
N TYR A 46 49.19 -18.46 11.23
CA TYR A 46 47.84 -18.47 10.66
C TYR A 46 47.47 -19.85 10.15
N LYS A 47 48.46 -20.56 9.60
CA LYS A 47 48.27 -21.90 9.07
C LYS A 47 47.31 -22.74 9.91
N ASN A 48 46.09 -22.89 9.43
CA ASN A 48 45.08 -23.66 10.13
C ASN A 48 44.84 -23.08 11.53
N GLY A 49 44.32 -21.86 11.57
CA GLY A 49 44.05 -21.22 12.84
C GLY A 49 42.80 -21.72 13.55
N THR A 50 42.76 -21.52 14.86
CA THR A 50 41.62 -21.95 15.67
C THR A 50 41.06 -20.74 16.43
N ILE A 51 41.82 -19.65 16.45
CA ILE A 51 41.44 -18.43 17.14
C ILE A 51 41.05 -17.35 16.12
N PRO A 52 39.74 -17.05 16.01
CA PRO A 52 39.26 -16.03 15.08
C PRO A 52 39.90 -14.66 15.31
N PHE A 53 40.73 -14.24 14.37
CA PHE A 53 41.42 -12.96 14.46
C PHE A 53 40.52 -11.85 13.93
N VAL A 54 40.25 -10.87 14.79
CA VAL A 54 39.38 -9.76 14.42
C VAL A 54 40.09 -8.52 13.95
N LYS A 55 39.65 -8.02 12.79
CA LYS A 55 40.20 -6.80 12.22
C LYS A 55 39.09 -5.75 12.12
N ILE A 56 39.45 -4.49 11.93
CA ILE A 56 38.50 -3.38 11.81
C ILE A 56 37.35 -3.77 10.85
N GLU A 57 37.70 -4.53 9.82
CA GLU A 57 36.70 -4.95 8.85
C GLU A 57 35.64 -5.85 9.46
N ASP A 58 36.08 -6.86 10.22
CA ASP A 58 35.16 -7.80 10.83
C ASP A 58 34.07 -7.12 11.68
N ILE A 59 34.42 -6.02 12.34
CA ILE A 59 33.47 -5.30 13.19
C ILE A 59 32.47 -4.52 12.32
N THR A 60 32.97 -3.80 11.34
CA THR A 60 32.11 -3.03 10.46
C THR A 60 31.09 -3.91 9.74
N ASN A 61 31.51 -5.11 9.37
CA ASN A 61 30.63 -6.03 8.67
C ASN A 61 29.76 -6.85 9.63
N SER A 62 29.65 -6.37 10.86
CA SER A 62 28.84 -7.07 11.85
C SER A 62 27.74 -6.15 12.32
N ASN A 63 26.58 -6.75 12.62
CA ASN A 63 25.44 -5.99 13.09
C ASN A 63 25.31 -6.14 14.60
N LYS A 64 25.94 -5.21 15.31
CA LYS A 64 25.97 -5.16 16.79
C LYS A 64 26.86 -6.27 17.37
N TYR A 65 26.46 -7.52 17.18
CA TYR A 65 27.22 -8.67 17.65
C TYR A 65 28.20 -9.20 16.61
N LEU A 66 29.40 -9.58 17.06
CA LEU A 66 30.42 -10.13 16.19
C LEU A 66 30.38 -11.64 16.37
N THR A 67 30.19 -12.37 15.28
CA THR A 67 30.13 -13.83 15.33
C THR A 67 30.96 -14.50 14.24
N ASN A 68 31.48 -13.71 13.31
CA ASN A 68 32.27 -14.22 12.19
C ASN A 68 33.59 -13.51 12.07
N THR A 69 34.57 -14.25 11.56
CA THR A 69 35.92 -13.75 11.38
C THR A 69 36.44 -14.08 9.98
N LYS A 70 37.02 -13.08 9.32
CA LYS A 70 37.57 -13.26 7.97
C LYS A 70 38.86 -14.05 8.00
N ILE A 71 39.70 -13.77 8.99
CA ILE A 71 40.99 -14.44 9.12
C ILE A 71 41.10 -15.09 10.50
N LYS A 72 42.00 -16.07 10.62
CA LYS A 72 42.23 -16.75 11.88
C LYS A 72 43.70 -16.75 12.29
N ILE A 73 43.95 -17.08 13.55
CA ILE A 73 45.30 -17.15 14.11
C ILE A 73 45.40 -18.35 15.05
N THR A 74 46.58 -18.96 15.11
CA THR A 74 46.78 -20.13 15.99
C THR A 74 47.34 -19.71 17.34
N GLU A 75 47.57 -20.69 18.20
CA GLU A 75 48.12 -20.43 19.52
C GLU A 75 49.47 -19.71 19.44
N GLU A 76 50.34 -20.23 18.58
CA GLU A 76 51.67 -19.66 18.40
C GLU A 76 51.58 -18.20 17.96
N GLY A 77 50.80 -17.94 16.91
CA GLY A 77 50.64 -16.56 16.44
C GLY A 77 50.17 -15.70 17.62
N LEU A 78 49.20 -16.22 18.34
CA LEU A 78 48.64 -15.56 19.50
C LEU A 78 49.75 -15.24 20.51
N ASN A 79 50.42 -16.28 20.99
CA ASN A 79 51.48 -16.16 21.98
C ASN A 79 52.68 -15.39 21.49
N ASN A 80 52.79 -15.22 20.18
CA ASN A 80 53.89 -14.47 19.61
C ASN A 80 53.46 -13.12 19.05
N SER A 81 52.51 -12.48 19.74
CA SER A 81 52.01 -11.16 19.33
C SER A 81 51.36 -10.50 20.53
N ASN A 82 50.83 -9.29 20.34
CA ASN A 82 50.17 -8.58 21.43
C ASN A 82 48.69 -8.90 21.49
N ALA A 83 48.26 -9.82 20.64
CA ALA A 83 46.86 -10.22 20.61
C ALA A 83 46.57 -11.16 21.78
N TRP A 84 45.36 -11.04 22.34
CA TRP A 84 44.94 -11.87 23.46
C TRP A 84 43.49 -12.36 23.29
N ILE A 85 43.22 -13.58 23.72
CA ILE A 85 41.90 -14.16 23.64
C ILE A 85 40.90 -13.38 24.50
N VAL A 86 40.02 -12.63 23.85
CA VAL A 86 39.03 -11.84 24.57
C VAL A 86 37.84 -12.74 24.93
N PRO A 87 37.36 -12.64 26.18
CA PRO A 87 36.22 -13.44 26.67
C PRO A 87 34.90 -13.05 25.99
N LYS A 88 33.99 -14.02 25.85
CA LYS A 88 32.70 -13.82 25.22
C LYS A 88 31.91 -12.72 25.91
N ASN A 89 30.97 -12.15 25.17
CA ASN A 89 30.11 -11.09 25.65
C ASN A 89 30.86 -9.81 26.00
N SER A 90 32.08 -9.70 25.52
CA SER A 90 32.86 -8.47 25.76
C SER A 90 32.45 -7.35 24.80
N VAL A 91 33.28 -6.32 24.70
CA VAL A 91 33.00 -5.20 23.79
C VAL A 91 34.27 -4.82 23.01
N LEU A 92 34.20 -4.86 21.68
CA LEU A 92 35.34 -4.50 20.84
C LEU A 92 35.19 -3.05 20.40
N PHE A 93 36.27 -2.30 20.42
CA PHE A 93 36.23 -0.89 20.03
C PHE A 93 37.33 -0.57 19.04
N ALA A 94 36.94 -0.14 17.85
CA ALA A 94 37.86 0.22 16.79
C ALA A 94 38.47 1.61 17.03
N MET A 95 39.79 1.66 17.17
CA MET A 95 40.47 2.92 17.38
C MET A 95 40.91 3.58 16.06
N TYR A 96 41.28 2.76 15.08
CA TYR A 96 41.71 3.28 13.79
C TYR A 96 40.74 2.88 12.71
N GLY A 97 40.87 3.49 11.53
CA GLY A 97 39.98 3.18 10.42
C GLY A 97 38.56 3.61 10.67
N SER A 98 37.80 2.74 11.35
CA SER A 98 36.40 3.03 11.68
C SER A 98 36.28 3.44 13.14
N ILE A 99 36.74 4.65 13.45
CA ILE A 99 36.70 5.17 14.81
C ILE A 99 35.27 5.21 15.34
N GLY A 100 35.03 4.52 16.45
CA GLY A 100 33.71 4.51 17.06
C GLY A 100 32.89 3.26 16.82
N GLU A 101 33.28 2.49 15.81
CA GLU A 101 32.60 1.25 15.46
C GLU A 101 32.78 0.25 16.62
N THR A 102 31.68 -0.08 17.28
CA THR A 102 31.74 -1.00 18.40
C THR A 102 31.00 -2.29 18.09
N ALA A 103 31.12 -3.27 18.98
CA ALA A 103 30.43 -4.55 18.80
C ALA A 103 30.56 -5.41 20.06
N ILE A 104 29.82 -6.51 20.10
CA ILE A 104 29.86 -7.45 21.21
C ILE A 104 30.17 -8.84 20.63
N ASN A 105 31.36 -9.36 20.91
CA ASN A 105 31.76 -10.67 20.36
C ASN A 105 31.00 -11.80 21.04
N LYS A 106 30.32 -12.62 20.26
CA LYS A 106 29.54 -13.73 20.82
C LYS A 106 30.46 -14.94 21.01
N ILE A 107 31.59 -14.91 20.32
CA ILE A 107 32.55 -15.99 20.39
C ILE A 107 33.91 -15.43 20.79
N GLU A 108 34.69 -16.22 21.53
CA GLU A 108 36.02 -15.78 21.97
C GLU A 108 36.86 -15.51 20.73
N VAL A 109 37.44 -14.31 20.67
CA VAL A 109 38.27 -13.94 19.53
C VAL A 109 39.47 -13.10 19.94
N ALA A 110 40.36 -12.86 18.99
CA ALA A 110 41.53 -12.02 19.24
C ALA A 110 41.41 -10.79 18.32
N THR A 111 42.13 -9.72 18.64
CA THR A 111 42.07 -8.54 17.79
C THR A 111 43.45 -7.93 17.51
N ASN A 112 43.55 -7.13 16.47
CA ASN A 112 44.83 -6.49 16.13
C ASN A 112 44.96 -5.22 16.95
N GLN A 113 46.07 -4.52 16.80
CA GLN A 113 46.32 -3.29 17.56
C GLN A 113 45.28 -2.20 17.30
N ALA A 114 44.43 -2.39 16.30
CA ALA A 114 43.40 -1.40 16.00
C ALA A 114 42.20 -1.57 16.93
N ILE A 115 41.71 -2.81 17.03
CA ILE A 115 40.57 -3.13 17.89
C ILE A 115 41.02 -3.15 19.36
N LEU A 116 40.12 -2.70 20.22
CA LEU A 116 40.38 -2.65 21.66
C LEU A 116 39.42 -3.55 22.46
N GLY A 117 39.93 -4.66 23.00
CA GLY A 117 39.14 -5.57 23.82
C GLY A 117 38.81 -4.93 25.18
N ILE A 118 37.52 -4.76 25.45
CA ILE A 118 37.04 -4.16 26.69
C ILE A 118 36.17 -5.13 27.49
N ILE A 119 36.48 -5.26 28.78
CA ILE A 119 35.74 -6.15 29.65
C ILE A 119 35.18 -5.37 30.84
N PRO A 120 33.84 -5.27 30.93
CA PRO A 120 33.20 -4.54 32.03
C PRO A 120 33.21 -5.33 33.36
N LYS A 121 33.41 -4.63 34.48
CA LYS A 121 33.41 -5.29 35.78
C LYS A 121 32.08 -5.98 36.04
N ASP A 122 32.14 -7.23 36.49
CA ASP A 122 30.92 -7.99 36.80
C ASP A 122 30.00 -7.24 37.75
N ASN A 123 28.70 -7.22 37.42
CA ASN A 123 27.70 -6.55 38.25
C ASN A 123 28.00 -5.07 38.45
N ILE A 124 28.96 -4.56 37.71
CA ILE A 124 29.30 -3.15 37.83
C ILE A 124 28.84 -2.40 36.57
N LEU A 125 29.06 -3.01 35.41
CA LEU A 125 28.73 -2.43 34.12
C LEU A 125 28.41 -3.51 33.16
N GLU A 126 27.24 -3.40 32.51
CA GLU A 126 26.83 -4.39 31.51
C GLU A 126 27.41 -4.11 30.12
N SER A 127 27.82 -5.17 29.44
CA SER A 127 28.35 -5.00 28.09
C SER A 127 27.26 -4.40 27.18
N GLU A 128 26.05 -4.94 27.28
CA GLU A 128 24.91 -4.46 26.49
C GLU A 128 24.74 -2.94 26.64
N PHE A 129 24.71 -2.49 27.88
CA PHE A 129 24.55 -1.08 28.17
C PHE A 129 25.71 -0.28 27.59
N LEU A 130 26.92 -0.83 27.74
CA LEU A 130 28.11 -0.17 27.25
C LEU A 130 28.03 0.01 25.74
N TYR A 131 27.54 -1.03 25.06
CA TYR A 131 27.39 -0.99 23.61
C TYR A 131 26.56 0.24 23.18
N TYR A 132 25.32 0.32 23.66
CA TYR A 132 24.44 1.43 23.34
C TYR A 132 24.98 2.79 23.74
N ILE A 133 25.88 2.81 24.73
CA ILE A 133 26.46 4.07 25.19
C ILE A 133 27.52 4.55 24.23
N LEU A 134 28.44 3.65 23.89
CA LEU A 134 29.52 3.98 22.98
C LEU A 134 28.95 4.27 21.58
N ALA A 135 27.74 3.80 21.33
CA ALA A 135 27.07 4.00 20.04
C ALA A 135 26.48 5.41 19.99
N LYS A 136 25.84 5.85 21.07
CA LYS A 136 25.25 7.18 21.12
C LYS A 136 26.32 8.26 20.92
N ASN A 137 27.52 8.00 21.44
CA ASN A 137 28.62 8.95 21.32
C ASN A 137 29.63 8.50 20.28
N LYS A 138 29.20 7.64 19.36
CA LYS A 138 30.09 7.15 18.30
C LYS A 138 30.58 8.30 17.43
N ASN A 139 29.64 9.13 16.99
CA ASN A 139 29.96 10.28 16.14
C ASN A 139 30.85 11.27 16.88
N TYR A 140 30.53 11.50 18.15
CA TYR A 140 31.30 12.41 18.99
C TYR A 140 32.72 11.90 19.21
N TYR A 141 32.86 10.58 19.31
CA TYR A 141 34.16 9.93 19.52
C TYR A 141 35.04 10.01 18.28
N SER A 142 34.46 9.68 17.13
CA SER A 142 35.17 9.70 15.87
C SER A 142 35.78 11.08 15.66
N LYS A 143 35.08 12.10 16.15
CA LYS A 143 35.52 13.49 16.03
C LYS A 143 36.58 13.84 17.08
N LEU A 144 37.84 13.60 16.72
CA LEU A 144 38.96 13.89 17.61
C LEU A 144 40.16 14.43 16.82
N GLY A 145 39.87 15.16 15.75
CA GLY A 145 40.91 15.73 14.91
C GLY A 145 40.62 17.17 14.54
N MET A 146 39.37 17.44 14.19
CA MET A 146 38.95 18.79 13.81
C MET A 146 39.03 19.72 15.01
N GLN A 147 39.13 19.14 16.20
CA GLN A 147 39.23 19.89 17.45
C GLN A 147 40.50 20.73 17.45
N THR A 148 41.64 20.07 17.56
CA THR A 148 42.94 20.74 17.57
C THR A 148 43.98 19.83 16.91
N THR A 149 44.55 18.92 17.69
CA THR A 149 45.54 17.98 17.20
C THR A 149 44.85 16.70 16.75
N GLN A 150 44.86 16.45 15.44
CA GLN A 150 44.22 15.26 14.89
C GLN A 150 44.80 13.95 15.42
N LYS A 151 44.03 13.29 16.27
CA LYS A 151 44.42 12.00 16.86
C LYS A 151 43.22 11.05 16.81
N ASN A 152 43.45 9.84 16.33
CA ASN A 152 42.41 8.83 16.23
C ASN A 152 41.84 8.55 17.62
N LEU A 153 42.37 7.51 18.26
CA LEU A 153 41.97 7.10 19.60
C LEU A 153 42.98 6.11 20.19
N ASN A 154 43.61 6.50 21.29
CA ASN A 154 44.60 5.67 21.95
C ASN A 154 43.92 4.82 23.03
N ALA A 155 44.50 3.67 23.36
CA ALA A 155 43.96 2.79 24.38
C ALA A 155 43.79 3.54 25.70
N GLN A 156 44.64 4.52 25.92
CA GLN A 156 44.62 5.33 27.14
C GLN A 156 43.53 6.40 27.05
N ILE A 157 43.26 6.86 25.84
CA ILE A 157 42.23 7.88 25.62
C ILE A 157 40.84 7.32 25.89
N VAL A 158 40.57 6.11 25.37
CA VAL A 158 39.28 5.43 25.53
C VAL A 158 39.04 5.06 27.00
N LYS A 159 40.11 4.76 27.73
CA LYS A 159 40.00 4.41 29.14
C LYS A 159 39.51 5.59 29.97
N SER A 160 39.75 6.79 29.48
CA SER A 160 39.35 8.03 30.15
C SER A 160 37.97 8.53 29.75
N PHE A 161 37.24 7.73 28.96
CA PHE A 161 35.90 8.11 28.53
C PHE A 161 34.97 8.17 29.71
N LYS A 162 34.31 9.32 29.86
CA LYS A 162 33.36 9.56 30.93
C LYS A 162 31.95 9.15 30.48
N ILE A 163 31.51 7.98 30.96
CA ILE A 163 30.19 7.46 30.63
C ILE A 163 29.28 7.34 31.85
N PRO A 164 27.97 7.56 31.69
CA PRO A 164 27.01 7.47 32.80
C PRO A 164 26.83 6.03 33.30
N LEU A 165 26.82 5.86 34.62
CA LEU A 165 26.68 4.53 35.18
C LEU A 165 25.48 4.41 36.09
N PRO A 166 24.35 3.95 35.54
CA PRO A 166 23.11 3.79 36.32
C PRO A 166 23.09 2.45 37.03
N PRO A 167 22.14 2.25 37.97
CA PRO A 167 22.02 0.99 38.70
C PRO A 167 22.08 -0.20 37.75
N LEU A 168 22.76 -1.25 38.18
CA LEU A 168 22.90 -2.42 37.33
C LEU A 168 21.58 -2.94 36.78
N GLU A 169 20.51 -2.81 37.56
CA GLU A 169 19.22 -3.28 37.10
C GLU A 169 18.68 -2.44 35.97
N GLU A 170 18.86 -1.12 36.06
CA GLU A 170 18.38 -0.22 35.04
C GLU A 170 19.15 -0.42 33.74
N GLN A 171 20.44 -0.71 33.87
CA GLN A 171 21.29 -0.93 32.71
C GLN A 171 20.76 -2.08 31.90
N LYS A 172 20.30 -3.12 32.56
CA LYS A 172 19.77 -4.26 31.84
C LYS A 172 18.41 -3.91 31.25
N GLN A 173 17.64 -3.12 31.97
CA GLN A 173 16.32 -2.71 31.51
C GLN A 173 16.44 -1.83 30.28
N ILE A 174 17.18 -0.73 30.43
CA ILE A 174 17.39 0.19 29.34
C ILE A 174 17.92 -0.56 28.12
N ALA A 175 18.95 -1.37 28.32
CA ALA A 175 19.54 -2.11 27.20
C ALA A 175 18.58 -3.11 26.58
N LYS A 176 17.66 -3.64 27.37
CA LYS A 176 16.73 -4.62 26.81
C LYS A 176 15.78 -3.92 25.86
N ILE A 177 15.34 -2.71 26.21
CA ILE A 177 14.41 -1.96 25.39
C ILE A 177 15.06 -1.64 24.03
N LEU A 178 16.25 -1.02 24.07
CA LEU A 178 17.00 -0.70 22.87
C LEU A 178 17.29 -1.95 22.04
N THR A 179 17.51 -3.09 22.69
CA THR A 179 17.77 -4.34 21.98
C THR A 179 16.52 -4.80 21.21
N LYS A 180 15.34 -4.58 21.80
CA LYS A 180 14.10 -4.99 21.15
C LYS A 180 13.88 -4.09 19.91
N ILE A 181 14.16 -2.81 20.07
CA ILE A 181 14.00 -1.86 18.98
C ILE A 181 14.92 -2.27 17.85
N ASP A 182 16.19 -2.46 18.17
CA ASP A 182 17.14 -2.88 17.16
C ASP A 182 16.72 -4.15 16.40
N GLU A 183 16.07 -5.09 17.07
CA GLU A 183 15.65 -6.32 16.44
C GLU A 183 14.52 -6.00 15.45
N GLY A 184 13.66 -5.06 15.82
CA GLY A 184 12.59 -4.71 14.92
C GLY A 184 13.16 -4.17 13.62
N ILE A 185 14.07 -3.22 13.76
CA ILE A 185 14.71 -2.59 12.64
C ILE A 185 15.41 -3.66 11.80
N GLU A 186 15.90 -4.71 12.44
CA GLU A 186 16.56 -5.79 11.73
C GLU A 186 15.57 -6.66 10.89
N ILE A 187 14.38 -6.91 11.44
CA ILE A 187 13.37 -7.70 10.80
C ILE A 187 12.85 -6.98 9.53
N ILE A 188 12.54 -5.69 9.67
CA ILE A 188 12.06 -4.91 8.54
C ILE A 188 13.15 -4.82 7.50
N GLU A 189 14.38 -4.57 7.94
CA GLU A 189 15.46 -4.46 7.00
C GLU A 189 15.66 -5.75 6.21
N LYS A 190 15.38 -6.90 6.84
CA LYS A 190 15.51 -8.17 6.16
C LYS A 190 14.40 -8.33 5.11
N SER A 191 13.18 -7.91 5.42
CA SER A 191 12.14 -8.04 4.42
C SER A 191 12.44 -7.09 3.24
N ILE A 192 12.88 -5.88 3.52
CA ILE A 192 13.21 -4.96 2.44
C ILE A 192 14.26 -5.61 1.50
N ASN A 193 15.36 -6.09 2.04
CA ASN A 193 16.41 -6.68 1.19
C ASN A 193 15.90 -7.86 0.33
N LYS A 194 15.02 -8.68 0.89
CA LYS A 194 14.49 -9.81 0.19
C LYS A 194 13.52 -9.39 -0.94
N LEU A 195 12.68 -8.39 -0.64
CA LEU A 195 11.74 -7.89 -1.61
C LEU A 195 12.51 -7.21 -2.80
N GLU A 196 13.63 -6.55 -2.52
CA GLU A 196 14.44 -5.93 -3.55
C GLU A 196 15.09 -7.01 -4.41
N ARG A 197 15.28 -8.18 -3.82
CA ARG A 197 15.86 -9.28 -4.57
C ARG A 197 14.78 -9.85 -5.46
N ILE A 198 13.60 -10.06 -4.92
CA ILE A 198 12.51 -10.57 -5.72
C ILE A 198 12.23 -9.60 -6.87
N LYS A 199 12.26 -8.29 -6.59
CA LYS A 199 11.99 -7.28 -7.58
C LYS A 199 12.92 -7.31 -8.76
N LYS A 200 14.16 -7.64 -8.45
CA LYS A 200 15.23 -7.69 -9.44
C LYS A 200 14.98 -8.91 -10.28
N GLY A 201 14.66 -10.04 -9.64
CA GLY A 201 14.37 -11.23 -10.39
C GLY A 201 13.10 -11.01 -11.24
N LEU A 202 12.09 -10.34 -10.70
CA LEU A 202 10.88 -10.14 -11.48
C LEU A 202 11.15 -9.32 -12.73
N MET A 203 11.98 -8.29 -12.60
CA MET A 203 12.34 -7.43 -13.69
C MET A 203 12.90 -8.26 -14.88
N HIS A 204 13.85 -9.14 -14.56
CA HIS A 204 14.47 -9.96 -15.58
C HIS A 204 13.45 -11.00 -16.12
N LYS A 205 12.73 -11.66 -15.23
CA LYS A 205 11.84 -12.66 -15.68
C LYS A 205 10.67 -12.18 -16.55
N LEU A 206 9.89 -11.28 -15.96
CA LEU A 206 8.70 -10.71 -16.56
C LEU A 206 8.98 -9.94 -17.84
N LEU A 207 10.11 -9.24 -17.90
CA LEU A 207 10.37 -8.46 -19.10
C LEU A 207 10.96 -9.27 -20.23
N THR A 208 11.40 -10.49 -19.94
CA THR A 208 11.95 -11.36 -20.99
C THR A 208 11.01 -12.50 -21.34
N LYS A 209 10.36 -13.11 -20.35
CA LYS A 209 9.44 -14.22 -20.62
C LYS A 209 7.96 -13.87 -20.40
N GLY A 210 7.69 -12.62 -20.04
CA GLY A 210 6.34 -12.18 -19.82
C GLY A 210 5.67 -12.96 -18.70
N ILE A 211 4.35 -13.05 -18.79
CA ILE A 211 3.61 -13.75 -17.80
C ILE A 211 2.51 -14.61 -18.46
N GLY A 212 2.30 -15.83 -17.95
CA GLY A 212 1.28 -16.72 -18.48
C GLY A 212 1.53 -17.45 -19.81
N HIS A 213 2.78 -17.46 -20.26
CA HIS A 213 3.12 -18.10 -21.51
C HIS A 213 3.73 -19.47 -21.30
N SER A 214 3.53 -20.35 -22.28
CA SER A 214 4.08 -21.70 -22.23
C SER A 214 4.86 -21.98 -23.52
N ARG A 215 4.83 -21.03 -24.47
CA ARG A 215 5.53 -21.17 -25.76
C ARG A 215 6.45 -19.98 -26.03
N PHE A 216 7.67 -20.26 -26.46
CA PHE A 216 8.59 -19.17 -26.71
C PHE A 216 9.31 -19.36 -28.02
N LYS A 217 10.05 -18.33 -28.43
CA LYS A 217 10.79 -18.39 -29.68
C LYS A 217 12.06 -17.54 -29.59
N LYS A 218 12.94 -17.69 -30.57
CA LYS A 218 14.18 -16.92 -30.57
C LYS A 218 13.85 -15.54 -31.14
N SER A 219 14.76 -14.59 -31.04
CA SER A 219 14.50 -13.27 -31.60
C SER A 219 15.73 -12.41 -31.47
N GLU A 220 15.68 -11.25 -32.11
CA GLU A 220 16.76 -10.30 -32.08
C GLU A 220 17.04 -9.84 -30.64
N ILE A 221 16.08 -10.07 -29.74
CA ILE A 221 16.27 -9.65 -28.36
C ILE A 221 16.27 -10.82 -27.40
N GLY A 222 16.60 -12.00 -27.95
CA GLY A 222 16.68 -13.20 -27.13
C GLY A 222 15.38 -13.94 -27.05
N GLU A 223 15.38 -15.03 -26.28
CA GLU A 223 14.18 -15.85 -26.14
C GLU A 223 13.06 -14.98 -25.59
N ILE A 224 11.91 -15.08 -26.24
CA ILE A 224 10.77 -14.26 -25.87
C ILE A 224 9.48 -15.04 -26.08
N PRO A 225 8.38 -14.60 -25.46
CA PRO A 225 7.12 -15.32 -25.65
C PRO A 225 6.75 -15.32 -27.12
N GLU A 226 6.04 -16.37 -27.52
CA GLU A 226 5.62 -16.56 -28.92
C GLU A 226 4.67 -15.47 -29.39
N ASP A 227 3.74 -15.08 -28.52
CA ASP A 227 2.76 -14.04 -28.82
C ASP A 227 3.39 -12.64 -28.86
N TRP A 228 4.68 -12.53 -28.56
CA TRP A 228 5.31 -11.23 -28.53
C TRP A 228 5.97 -10.88 -29.86
N GLU A 229 6.06 -9.61 -30.20
CA GLU A 229 6.73 -9.26 -31.43
C GLU A 229 7.83 -8.31 -31.07
N VAL A 230 8.73 -8.01 -32.01
CA VAL A 230 9.78 -7.06 -31.73
C VAL A 230 9.75 -5.92 -32.74
N PHE A 231 10.07 -4.72 -32.27
CA PHE A 231 10.08 -3.52 -33.12
C PHE A 231 11.15 -2.62 -32.57
N GLU A 232 11.23 -1.43 -33.14
CA GLU A 232 12.18 -0.41 -32.74
C GLU A 232 11.36 0.70 -32.09
N ILE A 233 11.99 1.47 -31.21
CA ILE A 233 11.31 2.56 -30.52
C ILE A 233 10.57 3.42 -31.60
N LYS A 234 11.30 3.79 -32.66
CA LYS A 234 10.78 4.60 -33.75
C LYS A 234 9.44 4.06 -34.26
N ASP A 235 9.32 2.75 -34.31
CA ASP A 235 8.09 2.12 -34.79
C ASP A 235 6.90 2.38 -33.92
N ILE A 236 7.10 2.49 -32.60
CA ILE A 236 5.98 2.67 -31.64
C ILE A 236 5.94 4.06 -30.99
N PHE A 237 7.06 4.76 -31.04
CA PHE A 237 7.12 6.05 -30.39
C PHE A 237 7.75 7.10 -31.28
N GLU A 238 7.50 8.34 -30.93
CA GLU A 238 8.08 9.43 -31.64
C GLU A 238 9.08 10.01 -30.65
N VAL A 239 10.29 10.27 -31.10
CA VAL A 239 11.29 10.80 -30.19
C VAL A 239 11.36 12.30 -30.31
N LYS A 240 11.17 13.01 -29.20
CA LYS A 240 11.21 14.49 -29.18
C LYS A 240 12.48 14.98 -28.49
N THR A 241 12.96 16.15 -28.88
CA THR A 241 14.19 16.71 -28.30
C THR A 241 13.88 17.95 -27.47
N GLY A 242 14.81 18.34 -26.62
CA GLY A 242 14.59 19.48 -25.76
C GLY A 242 15.60 20.57 -25.93
N THR A 243 15.46 21.64 -25.16
CA THR A 243 16.38 22.77 -25.23
C THR A 243 16.29 23.61 -23.96
N THR A 244 17.21 24.55 -23.83
CA THR A 244 17.23 25.41 -22.67
C THR A 244 17.11 26.87 -23.11
N PRO A 245 15.93 27.47 -22.92
CA PRO A 245 15.75 28.87 -23.32
C PRO A 245 16.72 29.78 -22.59
N SER A 246 17.37 30.70 -23.31
CA SER A 246 18.32 31.64 -22.72
C SER A 246 18.05 31.97 -21.24
N THR A 247 19.08 31.88 -20.41
CA THR A 247 18.91 32.20 -18.99
C THR A 247 19.01 33.70 -18.80
N LYS A 248 19.27 34.41 -19.90
CA LYS A 248 19.41 35.87 -19.89
C LYS A 248 18.05 36.58 -19.99
N LYS A 249 17.00 35.80 -20.24
CA LYS A 249 15.67 36.38 -20.37
C LYS A 249 14.71 35.90 -19.30
N SER A 250 14.25 36.82 -18.45
CA SER A 250 13.34 36.47 -17.38
C SER A 250 11.97 36.18 -17.94
N GLU A 251 11.69 36.72 -19.12
CA GLU A 251 10.38 36.51 -19.76
C GLU A 251 10.12 35.02 -19.95
N TYR A 252 11.19 34.24 -19.83
CA TYR A 252 11.16 32.78 -20.01
C TYR A 252 10.98 31.97 -18.74
N TRP A 253 11.38 32.52 -17.60
CA TRP A 253 11.30 31.82 -16.30
C TRP A 253 10.47 32.45 -15.20
N GLU A 254 10.41 33.78 -15.16
CA GLU A 254 9.65 34.48 -14.12
C GLU A 254 8.23 33.90 -13.94
N ASN A 255 7.96 33.39 -12.76
CA ASN A 255 6.67 32.80 -12.47
C ASN A 255 6.24 31.71 -13.46
N GLY A 256 7.23 30.96 -13.95
CA GLY A 256 6.96 29.87 -14.89
C GLY A 256 5.99 28.86 -14.31
N GLU A 257 5.14 28.33 -15.17
CA GLU A 257 4.18 27.35 -14.69
C GLU A 257 4.18 26.08 -15.54
N ILE A 258 5.09 26.01 -16.52
CA ILE A 258 5.19 24.85 -17.39
C ILE A 258 6.44 24.06 -16.98
N ASN A 259 6.28 22.76 -16.77
CA ASN A 259 7.38 21.93 -16.36
C ASN A 259 8.44 21.89 -17.41
N TRP A 260 9.67 21.89 -16.92
CA TRP A 260 10.85 21.86 -17.73
C TRP A 260 11.83 20.92 -16.99
N ILE A 261 11.75 19.66 -17.37
CA ILE A 261 12.53 18.60 -16.75
C ILE A 261 13.96 18.44 -17.21
N THR A 262 14.88 18.48 -16.26
CA THR A 262 16.29 18.29 -16.61
C THR A 262 16.73 16.91 -16.06
N PRO A 263 17.87 16.38 -16.52
CA PRO A 263 18.33 15.08 -16.02
C PRO A 263 18.54 15.12 -14.49
N LEU A 264 18.76 16.31 -13.95
CA LEU A 264 18.94 16.44 -12.53
C LEU A 264 17.61 16.18 -11.81
N ASP A 265 16.50 16.59 -12.42
CA ASP A 265 15.19 16.35 -11.82
C ASP A 265 14.90 14.83 -11.79
N LEU A 266 15.40 14.11 -12.80
CA LEU A 266 15.22 12.70 -12.98
C LEU A 266 16.09 11.88 -12.01
N SER A 267 17.35 12.28 -11.85
CA SER A 267 18.25 11.57 -10.94
C SER A 267 17.73 11.66 -9.52
N ARG A 268 17.05 12.76 -9.20
CA ARG A 268 16.51 12.98 -7.86
C ARG A 268 15.28 12.13 -7.61
N LEU A 269 14.83 11.42 -8.62
CA LEU A 269 13.63 10.58 -8.53
C LEU A 269 13.85 9.38 -7.59
N ASN A 270 15.09 8.89 -7.51
CA ASN A 270 15.40 7.76 -6.64
C ASN A 270 14.61 6.53 -7.07
N GLU A 271 14.71 6.22 -8.34
CA GLU A 271 14.01 5.08 -8.87
C GLU A 271 12.49 5.23 -9.01
N LYS A 272 11.90 6.30 -8.50
CA LYS A 272 10.45 6.50 -8.67
C LYS A 272 10.10 6.48 -10.17
N ILE A 273 8.94 5.94 -10.50
CA ILE A 273 8.52 5.82 -11.88
C ILE A 273 7.88 7.09 -12.44
N TYR A 274 7.15 7.81 -11.58
CA TYR A 274 6.45 9.00 -12.01
C TYR A 274 7.13 10.32 -11.67
N ILE A 275 6.98 11.28 -12.57
CA ILE A 275 7.50 12.62 -12.35
C ILE A 275 6.39 13.59 -12.73
N GLY A 276 6.05 14.49 -11.83
CA GLY A 276 4.99 15.44 -12.13
C GLY A 276 5.37 16.89 -11.93
N SER A 277 6.65 17.14 -11.65
CA SER A 277 7.12 18.51 -11.41
C SER A 277 8.62 18.65 -11.67
N SER A 278 9.05 19.84 -12.08
CA SER A 278 10.47 20.09 -12.33
C SER A 278 10.93 21.21 -11.40
N GLU A 279 12.20 21.18 -11.01
CA GLU A 279 12.77 22.19 -10.14
C GLU A 279 12.52 23.57 -10.72
N ARG A 280 12.93 23.81 -11.95
CA ARG A 280 12.75 25.11 -12.58
C ARG A 280 11.68 24.98 -13.66
N LYS A 281 10.80 25.97 -13.77
CA LYS A 281 9.73 25.98 -14.76
C LYS A 281 9.85 27.13 -15.74
N VAL A 282 9.26 26.96 -16.93
CA VAL A 282 9.29 27.99 -17.95
C VAL A 282 7.90 28.51 -18.18
N THR A 283 7.81 29.64 -18.86
CA THR A 283 6.52 30.30 -19.16
C THR A 283 5.96 30.01 -20.55
N LYS A 284 4.68 30.30 -20.74
CA LYS A 284 4.03 30.12 -22.02
C LYS A 284 4.81 30.90 -23.10
N ILE A 285 5.33 32.07 -22.75
CA ILE A 285 6.09 32.83 -23.73
C ILE A 285 7.28 32.03 -24.20
N ALA A 286 8.02 31.46 -23.27
CA ALA A 286 9.20 30.63 -23.60
C ALA A 286 8.80 29.46 -24.49
N LEU A 287 7.67 28.85 -24.18
CA LEU A 287 7.24 27.71 -24.95
C LEU A 287 7.07 28.03 -26.43
N GLU A 288 6.34 29.11 -26.73
CA GLU A 288 6.09 29.49 -28.13
C GLU A 288 7.30 30.14 -28.78
N LYS A 289 7.96 31.05 -28.07
CA LYS A 289 9.12 31.71 -28.62
C LYS A 289 10.29 30.77 -28.88
N CYS A 290 10.57 29.87 -27.94
CA CYS A 290 11.68 28.94 -28.10
C CYS A 290 11.27 27.67 -28.82
N ASN A 291 9.99 27.57 -29.18
CA ASN A 291 9.50 26.38 -29.84
C ASN A 291 9.84 25.07 -29.12
N LEU A 292 9.60 25.03 -27.80
CA LEU A 292 9.89 23.83 -27.01
C LEU A 292 8.87 22.75 -27.28
N ASN A 293 9.31 21.52 -27.15
CA ASN A 293 8.42 20.39 -27.38
C ASN A 293 7.71 20.08 -26.09
N LEU A 294 6.39 20.17 -26.12
CA LEU A 294 5.59 19.88 -24.96
C LEU A 294 5.00 18.47 -25.06
N ILE A 295 5.43 17.55 -24.21
CA ILE A 295 4.86 16.20 -24.29
C ILE A 295 3.79 16.02 -23.25
N PRO A 296 2.70 15.39 -23.63
CA PRO A 296 1.56 15.14 -22.73
C PRO A 296 1.86 14.19 -21.57
N LYS A 297 0.97 14.22 -20.58
CA LYS A 297 1.01 13.35 -19.44
C LYS A 297 0.92 11.89 -19.94
N GLY A 298 1.69 11.01 -19.29
CA GLY A 298 1.75 9.62 -19.70
C GLY A 298 2.96 9.42 -20.60
N SER A 299 3.59 10.48 -21.10
CA SER A 299 4.76 10.29 -21.96
C SER A 299 5.95 9.79 -21.11
N ILE A 300 7.00 9.35 -21.80
CA ILE A 300 8.19 8.83 -21.15
C ILE A 300 9.29 9.79 -21.39
N ILE A 301 10.03 10.05 -20.33
CA ILE A 301 11.17 10.97 -20.40
C ILE A 301 12.43 10.17 -19.99
N ILE A 302 13.52 10.42 -20.68
CA ILE A 302 14.78 9.74 -20.38
C ILE A 302 16.01 10.64 -20.57
N SER A 303 16.99 10.51 -19.67
CA SER A 303 18.19 11.34 -19.77
C SER A 303 19.11 10.74 -20.81
N THR A 304 19.62 11.62 -21.67
CA THR A 304 20.55 11.25 -22.74
C THR A 304 21.94 11.88 -22.54
N ARG A 305 22.11 12.63 -21.46
CA ARG A 305 23.40 13.26 -21.15
C ARG A 305 23.62 13.17 -19.65
N ALA A 306 24.83 13.43 -19.18
CA ALA A 306 25.09 13.39 -17.75
C ALA A 306 24.66 12.00 -17.29
N PRO A 307 24.09 11.87 -16.07
CA PRO A 307 23.69 10.51 -15.71
C PRO A 307 22.67 9.94 -16.71
N VAL A 308 23.15 9.22 -17.71
CA VAL A 308 22.29 8.64 -18.75
C VAL A 308 21.55 7.42 -18.23
N GLY A 309 20.33 7.23 -18.71
CA GLY A 309 19.57 6.05 -18.31
C GLY A 309 18.45 6.30 -17.33
N TYR A 310 18.38 7.51 -16.77
CA TYR A 310 17.28 7.81 -15.87
C TYR A 310 16.02 7.98 -16.73
N VAL A 311 14.97 7.24 -16.36
CA VAL A 311 13.69 7.24 -17.04
C VAL A 311 12.46 7.34 -16.12
N ALA A 312 11.49 8.11 -16.58
CA ALA A 312 10.25 8.30 -15.85
C ALA A 312 9.06 8.52 -16.76
N VAL A 313 7.88 8.41 -16.16
CA VAL A 313 6.66 8.64 -16.84
C VAL A 313 6.03 9.94 -16.32
N LEU A 314 5.80 10.90 -17.20
CA LEU A 314 5.18 12.17 -16.83
C LEU A 314 3.75 12.01 -16.26
N THR A 315 3.44 12.70 -15.17
CA THR A 315 2.08 12.65 -14.64
C THR A 315 1.36 13.93 -15.08
N VAL A 316 2.11 14.88 -15.66
CA VAL A 316 1.56 16.14 -16.17
C VAL A 316 2.41 16.56 -17.38
N GLU A 317 1.79 17.19 -18.37
CA GLU A 317 2.52 17.65 -19.55
C GLU A 317 3.79 18.38 -19.10
N SER A 318 4.81 18.34 -19.93
CA SER A 318 6.05 19.00 -19.62
C SER A 318 6.99 19.16 -20.79
N THR A 319 7.93 20.11 -20.69
CA THR A 319 8.96 20.37 -21.70
C THR A 319 10.24 19.88 -21.00
N PHE A 320 11.38 19.93 -21.68
CA PHE A 320 12.62 19.44 -21.09
C PHE A 320 13.83 19.93 -21.87
N ASN A 321 14.98 20.03 -21.18
CA ASN A 321 16.20 20.49 -21.84
C ASN A 321 16.92 19.45 -22.72
N GLN A 322 18.00 19.87 -23.38
CA GLN A 322 18.79 19.00 -24.25
C GLN A 322 19.35 17.81 -23.46
N GLY A 323 19.29 17.87 -22.14
CA GLY A 323 19.79 16.76 -21.39
C GLY A 323 18.82 15.58 -21.34
N CYS A 324 17.68 15.67 -22.03
CA CYS A 324 16.69 14.61 -22.04
C CYS A 324 16.05 14.39 -23.41
N LYS A 325 15.26 13.34 -23.51
CA LYS A 325 14.59 13.01 -24.74
C LYS A 325 13.24 12.50 -24.30
N GLY A 326 12.21 12.82 -25.09
CA GLY A 326 10.87 12.40 -24.77
C GLY A 326 10.34 11.29 -25.68
N LEU A 327 9.42 10.45 -25.20
CA LEU A 327 8.87 9.41 -26.02
C LEU A 327 7.38 9.50 -25.98
N PHE A 328 6.78 9.74 -27.15
CA PHE A 328 5.33 9.85 -27.28
C PHE A 328 4.88 8.71 -28.16
N GLN A 329 3.86 7.98 -27.74
CA GLN A 329 3.37 6.84 -28.52
C GLN A 329 2.55 7.29 -29.70
N LYS A 330 2.59 6.52 -30.80
CA LYS A 330 1.78 6.83 -31.99
C LYS A 330 0.30 6.91 -31.57
N ASN A 331 -0.16 5.85 -30.91
CA ASN A 331 -1.54 5.78 -30.37
C ASN A 331 -1.54 5.15 -28.95
N ASN A 332 -2.13 5.86 -28.00
CA ASN A 332 -2.18 5.41 -26.62
C ASN A 332 -3.20 4.30 -26.41
N ASP A 333 -3.30 3.40 -27.37
CA ASP A 333 -4.24 2.29 -27.29
C ASP A 333 -3.57 0.96 -27.62
N SER A 334 -2.26 0.99 -27.83
CA SER A 334 -1.54 -0.26 -28.09
C SER A 334 -0.24 -0.31 -27.26
N VAL A 335 -0.07 0.65 -26.36
CA VAL A 335 1.13 0.73 -25.53
C VAL A 335 0.89 1.31 -24.13
N ASN A 336 1.49 0.72 -23.11
CA ASN A 336 1.38 1.19 -21.71
C ASN A 336 2.72 1.81 -21.43
N THR A 337 2.75 3.08 -21.10
CA THR A 337 4.05 3.66 -20.86
C THR A 337 4.80 3.10 -19.67
N GLU A 338 4.12 2.78 -18.58
CA GLU A 338 4.82 2.25 -17.41
C GLU A 338 5.65 1.02 -17.72
N PHE A 339 5.11 0.14 -18.54
CA PHE A 339 5.79 -1.06 -18.91
C PHE A 339 7.06 -0.68 -19.63
N TYR A 340 6.97 0.25 -20.56
CA TYR A 340 8.20 0.55 -21.27
C TYR A 340 9.22 1.35 -20.43
N ALA A 341 8.73 2.11 -19.45
CA ALA A 341 9.63 2.82 -18.58
C ALA A 341 10.45 1.70 -17.88
N TYR A 342 9.77 0.70 -17.31
CA TYR A 342 10.46 -0.42 -16.68
C TYR A 342 11.42 -1.16 -17.64
N TYR A 343 10.95 -1.45 -18.85
CA TYR A 343 11.80 -2.11 -19.83
C TYR A 343 13.07 -1.29 -20.02
N LEU A 344 12.95 0.04 -20.11
CA LEU A 344 14.11 0.90 -20.30
C LEU A 344 15.01 0.89 -19.08
N LYS A 345 14.43 0.90 -17.89
CA LYS A 345 15.30 0.86 -16.72
C LYS A 345 16.07 -0.46 -16.76
N PHE A 346 15.38 -1.50 -17.19
CA PHE A 346 15.97 -2.82 -17.24
C PHE A 346 17.18 -2.88 -18.20
N LYS A 347 17.12 -2.09 -19.27
CA LYS A 347 18.17 -2.03 -20.25
C LYS A 347 19.08 -0.80 -20.06
N LYS A 348 19.08 -0.24 -18.87
CA LYS A 348 19.93 0.91 -18.59
C LYS A 348 21.39 0.65 -19.02
N ASN A 349 21.98 -0.46 -18.57
CA ASN A 349 23.35 -0.75 -18.96
C ASN A 349 23.53 -0.75 -20.46
N LEU A 350 22.54 -1.27 -21.19
CA LEU A 350 22.65 -1.31 -22.65
C LEU A 350 22.61 0.13 -23.21
N LEU A 351 21.71 0.96 -22.68
CA LEU A 351 21.64 2.33 -23.15
C LEU A 351 22.95 3.04 -22.80
N GLU A 352 23.50 2.74 -21.63
CA GLU A 352 24.75 3.36 -21.19
C GLU A 352 25.93 3.07 -22.14
N ASN A 353 25.99 1.85 -22.67
CA ASN A 353 27.05 1.48 -23.60
C ASN A 353 26.85 2.18 -24.95
N LEU A 354 25.62 2.23 -25.43
CA LEU A 354 25.34 2.86 -26.72
C LEU A 354 25.82 4.32 -26.74
N SER A 355 25.68 4.99 -25.62
CA SER A 355 26.08 6.37 -25.52
C SER A 355 27.54 6.49 -25.18
N GLY A 356 28.02 5.57 -24.35
CA GLY A 356 29.41 5.61 -23.95
C GLY A 356 30.33 5.19 -25.08
N GLY A 357 29.77 5.08 -26.29
CA GLY A 357 30.58 4.70 -27.44
C GLY A 357 31.63 5.73 -27.80
N SER A 358 31.88 6.67 -26.89
CA SER A 358 32.86 7.72 -27.10
C SER A 358 32.93 8.64 -25.88
N THR A 359 33.68 9.73 -26.01
CA THR A 359 33.82 10.70 -24.94
C THR A 359 32.52 11.50 -24.85
N PHE A 360 32.21 12.03 -23.67
CA PHE A 360 30.99 12.79 -23.48
C PHE A 360 29.79 11.92 -23.84
N LYS A 361 29.40 11.09 -22.88
CA LYS A 361 28.29 10.17 -23.05
C LYS A 361 26.99 10.85 -23.42
N GLU A 362 26.49 10.54 -24.60
CA GLU A 362 25.23 11.11 -25.03
C GLU A 362 24.48 10.06 -25.83
N LEU A 363 23.20 9.87 -25.52
CA LEU A 363 22.35 8.91 -26.23
C LEU A 363 21.67 9.64 -27.38
N SER A 364 22.23 9.51 -28.59
CA SER A 364 21.67 10.20 -29.77
C SER A 364 20.23 9.78 -30.07
N LYS A 365 19.51 10.66 -30.76
CA LYS A 365 18.15 10.37 -31.16
C LYS A 365 18.06 9.07 -31.98
N SER A 366 19.04 8.84 -32.84
CA SER A 366 19.03 7.62 -33.63
C SER A 366 19.22 6.38 -32.74
N MET A 367 20.03 6.53 -31.70
CA MET A 367 20.29 5.43 -30.80
C MET A 367 18.99 5.01 -30.12
N LEU A 368 18.26 5.99 -29.63
CA LEU A 368 17.02 5.70 -28.98
C LEU A 368 16.01 5.17 -30.00
N GLU A 369 15.94 5.81 -31.15
CA GLU A 369 15.00 5.37 -32.18
C GLU A 369 15.20 3.94 -32.63
N ASN A 370 16.46 3.56 -32.82
CA ASN A 370 16.76 2.22 -33.32
C ASN A 370 16.79 1.14 -32.23
N PHE A 371 16.70 1.54 -30.97
CA PHE A 371 16.73 0.58 -29.89
C PHE A 371 15.57 -0.40 -30.02
N LYS A 372 15.88 -1.69 -29.97
CA LYS A 372 14.84 -2.69 -30.11
C LYS A 372 14.06 -2.98 -28.83
N ILE A 373 12.76 -3.23 -28.98
CA ILE A 373 11.92 -3.49 -27.83
C ILE A 373 10.85 -4.54 -28.12
N PRO A 374 10.28 -5.13 -27.06
CA PRO A 374 9.24 -6.14 -27.24
C PRO A 374 7.92 -5.40 -27.36
N LEU A 375 6.96 -6.05 -27.98
CA LEU A 375 5.63 -5.48 -28.14
C LEU A 375 4.61 -6.54 -27.81
N PRO A 376 4.29 -6.69 -26.50
CA PRO A 376 3.32 -7.65 -25.98
C PRO A 376 1.94 -7.05 -26.18
N PRO A 377 0.89 -7.86 -26.02
CA PRO A 377 -0.44 -7.31 -26.17
C PRO A 377 -0.70 -6.36 -25.00
N LEU A 378 -1.26 -5.19 -25.32
CA LEU A 378 -1.53 -4.17 -24.31
C LEU A 378 -1.86 -4.69 -22.91
N GLU A 379 -2.77 -5.64 -22.82
CA GLU A 379 -3.22 -6.18 -21.56
C GLU A 379 -2.06 -6.81 -20.71
N GLU A 380 -1.19 -7.58 -21.34
CA GLU A 380 -0.09 -8.18 -20.66
C GLU A 380 0.87 -7.08 -20.16
N GLN A 381 0.99 -6.01 -20.93
CA GLN A 381 1.83 -4.86 -20.60
C GLN A 381 1.30 -4.24 -19.33
N LYS A 382 -0.02 -4.17 -19.18
CA LYS A 382 -0.53 -3.54 -17.97
C LYS A 382 -0.26 -4.42 -16.75
N GLN A 383 -0.46 -5.71 -16.95
CA GLN A 383 -0.26 -6.71 -15.92
C GLN A 383 1.18 -6.71 -15.39
N ILE A 384 2.16 -6.84 -16.27
CA ILE A 384 3.54 -6.82 -15.92
C ILE A 384 3.86 -5.49 -15.23
N ALA A 385 3.26 -4.38 -15.69
CA ALA A 385 3.57 -3.12 -15.06
C ALA A 385 2.89 -2.93 -13.71
N LYS A 386 1.72 -3.51 -13.54
CA LYS A 386 1.03 -3.41 -12.26
C LYS A 386 1.84 -4.19 -11.22
N ILE A 387 2.37 -5.35 -11.62
CA ILE A 387 3.14 -6.15 -10.71
C ILE A 387 4.42 -5.47 -10.24
N LEU A 388 5.17 -4.93 -11.19
CA LEU A 388 6.41 -4.25 -10.95
C LEU A 388 6.19 -3.00 -10.12
N SER A 389 5.12 -2.27 -10.40
CA SER A 389 4.88 -1.03 -9.67
C SER A 389 4.29 -1.26 -8.30
N SER A 390 3.61 -2.39 -8.13
CA SER A 390 3.01 -2.72 -6.83
C SER A 390 4.12 -3.22 -5.88
N VAL A 391 5.13 -3.88 -6.44
CA VAL A 391 6.19 -4.34 -5.61
C VAL A 391 7.02 -3.12 -5.26
N ASP A 392 7.32 -2.25 -6.23
CA ASP A 392 8.07 -1.05 -5.89
C ASP A 392 7.36 -0.30 -4.75
N LYS A 393 6.03 -0.24 -4.78
CA LYS A 393 5.30 0.46 -3.72
C LYS A 393 5.51 -0.21 -2.33
N SER A 394 5.45 -1.55 -2.31
CA SER A 394 5.65 -2.36 -1.10
C SER A 394 7.06 -2.09 -0.49
N ILE A 395 8.09 -2.12 -1.32
CA ILE A 395 9.42 -1.81 -0.92
C ILE A 395 9.44 -0.43 -0.22
N GLU A 396 8.81 0.56 -0.85
CA GLU A 396 8.79 1.91 -0.27
C GLU A 396 8.07 2.00 1.05
N LEU A 397 6.93 1.33 1.18
CA LEU A 397 6.22 1.38 2.44
C LEU A 397 7.10 0.78 3.57
N LYS A 398 7.86 -0.26 3.22
CA LYS A 398 8.73 -0.92 4.15
C LYS A 398 9.88 0.01 4.54
N LYS A 399 10.49 0.68 3.58
CA LYS A 399 11.55 1.59 3.88
C LYS A 399 11.05 2.72 4.79
N GLN A 400 9.79 3.13 4.62
CA GLN A 400 9.26 4.18 5.43
C GLN A 400 8.99 3.71 6.84
N LYS A 401 8.69 2.43 7.00
CA LYS A 401 8.41 1.90 8.31
C LYS A 401 9.77 1.81 9.06
N LYS A 402 10.81 1.41 8.34
CA LYS A 402 12.12 1.32 8.90
C LYS A 402 12.57 2.73 9.38
N GLU A 403 12.37 3.72 8.52
CA GLU A 403 12.75 5.07 8.84
C GLU A 403 12.09 5.59 10.12
N LYS A 404 10.80 5.33 10.30
CA LYS A 404 10.15 5.83 11.49
C LYS A 404 10.64 5.10 12.76
N LEU A 405 10.93 3.81 12.61
CA LEU A 405 11.44 3.02 13.71
C LEU A 405 12.87 3.49 14.07
N GLN A 406 13.69 3.78 13.06
CA GLN A 406 15.05 4.21 13.32
C GLN A 406 15.08 5.56 14.01
N ARG A 407 14.11 6.40 13.67
CA ARG A 407 13.99 7.71 14.27
C ARG A 407 13.48 7.54 15.67
N MET A 408 12.54 6.64 15.89
CA MET A 408 12.00 6.38 17.22
C MET A 408 13.11 5.86 18.16
N LYS A 409 13.99 5.02 17.63
CA LYS A 409 15.09 4.48 18.41
C LYS A 409 15.97 5.65 18.85
N LYS A 410 16.33 6.48 17.88
CA LYS A 410 17.16 7.65 18.12
C LYS A 410 16.54 8.52 19.24
N LYS A 411 15.21 8.61 19.25
CA LYS A 411 14.51 9.41 20.26
C LYS A 411 14.59 8.73 21.65
N ILE A 412 14.01 7.55 21.76
CA ILE A 412 14.01 6.80 23.00
C ILE A 412 15.45 6.60 23.53
N MET A 413 16.38 6.28 22.63
CA MET A 413 17.75 6.07 23.02
C MET A 413 18.31 7.31 23.73
N GLU A 414 17.92 8.48 23.25
CA GLU A 414 18.32 9.76 23.81
C GLU A 414 17.73 9.97 25.20
N LEU A 415 16.47 9.58 25.38
CA LEU A 415 15.80 9.73 26.67
C LEU A 415 16.26 8.75 27.77
N LEU A 416 16.43 7.48 27.41
CA LEU A 416 16.82 6.48 28.39
C LEU A 416 18.27 6.57 28.83
N LEU A 417 19.17 6.78 27.88
CA LEU A 417 20.58 6.88 28.22
C LEU A 417 20.90 8.13 29.01
N THR A 418 19.87 8.89 29.40
CA THR A 418 20.06 10.12 30.16
C THR A 418 18.99 10.23 31.23
N GLY A 419 18.93 11.40 31.85
CA GLY A 419 17.95 11.60 32.89
C GLY A 419 16.65 12.15 32.34
N LYS A 420 15.84 11.26 31.79
CA LYS A 420 14.56 11.67 31.22
C LYS A 420 13.50 10.65 31.60
N VAL A 421 13.64 9.44 31.10
CA VAL A 421 12.68 8.39 31.38
C VAL A 421 13.50 7.25 31.96
N ARG A 422 12.89 6.47 32.85
CA ARG A 422 13.59 5.34 33.47
C ARG A 422 12.67 4.16 33.70
N VAL A 423 13.27 2.98 33.92
CA VAL A 423 12.48 1.77 34.14
C VAL A 423 12.22 1.53 35.61
N LYS A 424 11.04 0.99 35.91
CA LYS A 424 10.65 0.69 37.28
C LYS A 424 11.41 -0.53 37.81
N THR A 425 12.00 -0.38 38.99
CA THR A 425 12.75 -1.47 39.61
C THR A 425 13.02 -1.19 41.09
N MET B 1 -9.11 32.17 -0.19
CA MET B 1 -10.42 32.45 0.48
C MET B 1 -11.59 32.43 -0.48
N PHE B 2 -12.10 31.22 -0.74
CA PHE B 2 -13.22 30.99 -1.65
C PHE B 2 -14.51 31.12 -0.83
N TYR B 3 -14.42 30.81 0.45
CA TYR B 3 -15.57 30.91 1.33
C TYR B 3 -15.18 31.43 2.71
N LYS B 4 -16.17 31.61 3.59
CA LYS B 4 -15.95 32.12 4.95
C LYS B 4 -16.87 31.47 5.97
N GLU B 5 -16.61 31.71 7.25
CA GLU B 5 -17.43 31.15 8.33
C GLU B 5 -18.49 32.14 8.81
N GLU B 6 -19.73 31.68 8.83
CA GLU B 6 -20.86 32.49 9.26
C GLU B 6 -20.89 32.56 10.77
N ASN B 7 -21.51 33.61 11.30
CA ASN B 7 -21.63 33.81 12.75
C ASN B 7 -23.05 34.18 13.18
N PHE B 8 -23.79 34.86 12.30
CA PHE B 8 -25.13 35.27 12.62
C PHE B 8 -26.12 34.33 11.97
N LYS B 9 -26.65 33.40 12.75
CA LYS B 9 -27.58 32.44 12.19
C LYS B 9 -28.82 32.23 13.04
N LYS B 10 -30.00 32.30 12.41
CA LYS B 10 -31.30 32.09 13.09
C LYS B 10 -31.64 30.63 13.32
N THR B 11 -32.71 30.37 14.06
CA THR B 11 -33.10 28.99 14.37
C THR B 11 -34.36 28.51 13.64
N GLU B 12 -34.35 27.24 13.26
CA GLU B 12 -35.47 26.63 12.54
C GLU B 12 -34.98 25.30 12.00
N ILE B 13 -35.48 24.19 12.55
CA ILE B 13 -35.05 22.85 12.10
C ILE B 13 -33.57 22.81 11.74
N GLY B 14 -32.80 23.49 12.60
CA GLY B 14 -31.36 23.59 12.48
C GLY B 14 -30.99 25.05 12.31
N GLU B 15 -29.87 25.45 12.90
CA GLU B 15 -29.45 26.83 12.77
C GLU B 15 -29.12 27.17 11.32
N ILE B 16 -29.96 28.02 10.75
CA ILE B 16 -29.81 28.52 9.39
C ILE B 16 -29.41 30.00 9.46
N PRO B 17 -28.50 30.45 8.57
CA PRO B 17 -28.09 31.86 8.60
C PRO B 17 -29.25 32.81 8.27
N GLU B 18 -29.19 34.01 8.83
CA GLU B 18 -30.25 35.00 8.61
C GLU B 18 -30.52 35.27 7.14
N ASP B 19 -29.48 35.16 6.31
CA ASP B 19 -29.62 35.39 4.88
C ASP B 19 -30.46 34.30 4.21
N TRP B 20 -30.39 33.09 4.75
CA TRP B 20 -31.14 31.96 4.20
C TRP B 20 -32.66 32.17 4.29
N GLU B 21 -33.42 31.11 4.06
CA GLU B 21 -34.86 31.19 4.11
C GLU B 21 -35.41 29.79 4.05
N ILE B 22 -35.98 29.30 5.15
CA ILE B 22 -36.54 27.94 5.19
C ILE B 22 -37.89 27.92 4.51
N VAL B 23 -38.07 27.01 3.56
CA VAL B 23 -39.33 26.92 2.84
C VAL B 23 -39.76 25.47 2.68
N GLU B 24 -40.91 25.26 2.04
CA GLU B 24 -41.45 23.93 1.78
C GLU B 24 -41.38 23.69 0.30
N LEU B 25 -40.92 22.49 -0.05
CA LEU B 25 -40.75 22.13 -1.43
C LEU B 25 -41.85 22.60 -2.35
N LYS B 26 -43.10 22.37 -1.93
CA LYS B 26 -44.24 22.77 -2.75
C LYS B 26 -44.23 24.26 -3.14
N ASP B 27 -43.59 25.11 -2.32
CA ASP B 27 -43.52 26.55 -2.58
C ASP B 27 -42.43 26.94 -3.57
N VAL B 28 -41.37 26.14 -3.64
CA VAL B 28 -40.27 26.44 -4.56
C VAL B 28 -40.22 25.50 -5.78
N CYS B 29 -41.31 24.78 -6.01
CA CYS B 29 -41.37 23.89 -7.17
C CYS B 29 -42.62 24.13 -7.95
N LYS B 30 -42.52 24.11 -9.27
CA LYS B 30 -43.69 24.34 -10.08
C LYS B 30 -44.49 23.09 -10.38
N LYS B 31 -44.01 21.93 -9.95
CA LYS B 31 -44.69 20.66 -10.22
C LYS B 31 -44.05 19.52 -9.43
N ILE B 32 -44.85 18.77 -8.69
CA ILE B 32 -44.37 17.63 -7.91
C ILE B 32 -45.44 16.55 -7.94
N LYS B 33 -45.48 15.80 -9.03
CA LYS B 33 -46.47 14.76 -9.18
C LYS B 33 -45.77 13.42 -9.39
N ALA B 34 -46.51 12.33 -9.22
CA ALA B 34 -45.94 11.01 -9.41
C ALA B 34 -46.25 10.52 -10.81
N GLY B 35 -45.60 9.43 -11.20
CA GLY B 35 -45.88 8.88 -12.51
C GLY B 35 -46.98 7.81 -12.43
N GLY B 36 -47.08 6.99 -13.46
CA GLY B 36 -48.07 5.94 -13.48
C GLY B 36 -47.60 4.77 -14.33
N THR B 37 -48.13 3.58 -14.07
CA THR B 37 -47.78 2.39 -14.82
C THR B 37 -48.95 1.93 -15.69
N PRO B 38 -48.87 2.16 -17.00
CA PRO B 38 -49.97 1.73 -17.87
C PRO B 38 -50.19 0.21 -17.76
N LYS B 39 -51.46 -0.22 -17.69
CA LYS B 39 -51.77 -1.65 -17.58
C LYS B 39 -50.74 -2.53 -18.31
N THR B 40 -50.07 -3.36 -17.53
CA THR B 40 -49.01 -4.20 -18.04
C THR B 40 -49.44 -5.18 -19.10
N SER B 41 -50.65 -5.70 -18.96
CA SER B 41 -51.19 -6.68 -19.88
C SER B 41 -51.67 -6.10 -21.20
N VAL B 42 -51.14 -4.95 -21.60
CA VAL B 42 -51.55 -4.31 -22.84
C VAL B 42 -50.33 -4.03 -23.74
N GLU B 43 -50.27 -4.71 -24.87
CA GLU B 43 -49.17 -4.56 -25.83
C GLU B 43 -48.96 -3.11 -26.30
N GLU B 44 -50.02 -2.51 -26.82
CA GLU B 44 -49.99 -1.14 -27.35
C GLU B 44 -49.31 -0.12 -26.46
N TYR B 45 -49.17 -0.43 -25.18
CA TYR B 45 -48.55 0.51 -24.25
C TYR B 45 -47.06 0.37 -24.11
N TYR B 46 -46.52 -0.75 -24.55
CA TYR B 46 -45.08 -1.00 -24.45
C TYR B 46 -44.41 -1.40 -25.78
N LYS B 47 -45.03 -2.30 -26.53
CA LYS B 47 -44.55 -2.83 -27.81
C LYS B 47 -43.34 -2.10 -28.43
N ASN B 48 -43.56 -0.90 -28.92
CA ASN B 48 -42.49 -0.15 -29.53
C ASN B 48 -42.31 1.20 -28.85
N GLY B 49 -42.27 1.17 -27.51
CA GLY B 49 -42.12 2.40 -26.74
C GLY B 49 -40.97 3.28 -27.19
N THR B 50 -41.14 4.59 -27.06
CA THR B 50 -40.13 5.57 -27.45
C THR B 50 -39.83 6.51 -26.27
N ILE B 51 -40.62 6.39 -25.21
CA ILE B 51 -40.45 7.22 -24.02
C ILE B 51 -39.82 6.40 -22.89
N PRO B 52 -38.63 6.79 -22.44
CA PRO B 52 -37.95 6.07 -21.34
C PRO B 52 -38.83 6.08 -20.06
N PHE B 53 -39.10 4.89 -19.53
CA PHE B 53 -39.98 4.67 -18.36
C PHE B 53 -39.14 4.35 -17.16
N VAL B 54 -39.13 5.29 -16.24
CA VAL B 54 -38.32 5.16 -15.06
C VAL B 54 -38.95 4.37 -13.94
N LYS B 55 -38.32 3.26 -13.56
CA LYS B 55 -38.78 2.49 -12.40
C LYS B 55 -37.73 2.72 -11.29
N ILE B 56 -38.02 2.32 -10.06
CA ILE B 56 -37.08 2.51 -8.94
C ILE B 56 -35.69 1.95 -9.28
N GLU B 57 -35.67 0.74 -9.82
CA GLU B 57 -34.41 0.10 -10.20
C GLU B 57 -33.61 1.01 -11.15
N ASP B 58 -34.30 1.71 -12.07
CA ASP B 58 -33.63 2.60 -12.99
C ASP B 58 -32.87 3.69 -12.24
N ILE B 59 -33.45 4.20 -11.16
CA ILE B 59 -32.75 5.22 -10.38
C ILE B 59 -31.59 4.59 -9.63
N THR B 60 -31.80 3.40 -9.11
CA THR B 60 -30.69 2.71 -8.41
C THR B 60 -29.53 2.40 -9.38
N ASN B 61 -29.81 2.16 -10.66
CA ASN B 61 -28.70 1.84 -11.56
C ASN B 61 -27.96 3.07 -12.05
N SER B 62 -28.52 4.26 -11.82
CA SER B 62 -27.85 5.44 -12.31
C SER B 62 -26.97 6.04 -11.24
N ASN B 63 -25.93 6.76 -11.65
CA ASN B 63 -25.02 7.42 -10.74
C ASN B 63 -25.28 8.91 -10.82
N LYS B 64 -26.10 9.40 -9.91
CA LYS B 64 -26.50 10.81 -9.87
C LYS B 64 -27.42 11.23 -11.05
N TYR B 65 -26.93 11.14 -12.28
CA TYR B 65 -27.71 11.51 -13.43
C TYR B 65 -28.38 10.33 -14.09
N LEU B 66 -29.67 10.43 -14.39
CA LEU B 66 -30.39 9.30 -15.04
C LEU B 66 -30.23 9.51 -16.56
N THR B 67 -29.67 8.53 -17.22
CA THR B 67 -29.37 8.64 -18.63
C THR B 67 -30.08 7.58 -19.44
N ASN B 68 -30.58 6.57 -18.77
CA ASN B 68 -31.25 5.52 -19.47
C ASN B 68 -32.16 4.72 -18.55
N THR B 69 -33.07 3.96 -19.18
CA THR B 69 -34.00 3.07 -18.49
C THR B 69 -34.06 1.72 -19.19
N LYS B 70 -34.36 0.67 -18.43
CA LYS B 70 -34.44 -0.66 -19.02
C LYS B 70 -35.62 -0.79 -19.99
N ILE B 71 -36.66 -0.02 -19.76
CA ILE B 71 -37.86 -0.12 -20.57
C ILE B 71 -38.35 1.21 -21.12
N LYS B 72 -39.09 1.13 -22.22
CA LYS B 72 -39.67 2.30 -22.87
C LYS B 72 -41.21 2.19 -22.85
N ILE B 73 -41.88 3.32 -23.04
CA ILE B 73 -43.33 3.38 -23.05
C ILE B 73 -43.80 4.08 -24.32
N THR B 74 -44.97 3.71 -24.82
CA THR B 74 -45.51 4.31 -26.04
C THR B 74 -46.40 5.50 -25.67
N GLU B 75 -46.70 6.35 -26.66
CA GLU B 75 -47.57 7.50 -26.40
C GLU B 75 -48.88 6.98 -25.81
N GLU B 76 -49.35 5.87 -26.37
CA GLU B 76 -50.58 5.21 -25.91
C GLU B 76 -50.50 4.92 -24.43
N GLY B 77 -49.38 4.35 -23.98
CA GLY B 77 -49.20 4.07 -22.57
C GLY B 77 -49.21 5.32 -21.72
N LEU B 78 -48.52 6.36 -22.17
CA LEU B 78 -48.48 7.61 -21.42
C LEU B 78 -49.87 8.25 -21.23
N ASN B 79 -50.61 8.31 -22.34
CA ASN B 79 -51.95 8.89 -22.35
C ASN B 79 -52.99 8.04 -21.68
N ASN B 80 -52.62 6.82 -21.35
CA ASN B 80 -53.56 5.96 -20.69
C ASN B 80 -53.06 5.57 -19.31
N SER B 81 -52.33 6.49 -18.67
CA SER B 81 -51.81 6.26 -17.32
C SER B 81 -51.44 7.62 -16.69
N ASN B 82 -51.21 7.61 -15.37
CA ASN B 82 -50.84 8.83 -14.68
C ASN B 82 -49.43 9.28 -15.07
N ALA B 83 -48.68 8.44 -15.79
CA ALA B 83 -47.35 8.82 -16.23
C ALA B 83 -47.39 10.15 -17.05
N TRP B 84 -46.36 10.98 -16.88
CA TRP B 84 -46.30 12.23 -17.61
C TRP B 84 -44.83 12.55 -17.92
N ILE B 85 -44.60 13.21 -19.05
CA ILE B 85 -43.25 13.57 -19.47
C ILE B 85 -42.58 14.63 -18.56
N VAL B 86 -41.54 14.21 -17.85
CA VAL B 86 -40.85 15.09 -16.93
C VAL B 86 -39.71 15.72 -17.71
N PRO B 87 -39.65 17.08 -17.73
CA PRO B 87 -38.59 17.78 -18.48
C PRO B 87 -37.22 17.42 -17.95
N LYS B 88 -36.23 17.56 -18.82
CA LYS B 88 -34.87 17.23 -18.43
C LYS B 88 -34.36 18.21 -17.38
N ASN B 89 -33.42 17.75 -16.56
CA ASN B 89 -32.85 18.58 -15.51
C ASN B 89 -33.78 18.72 -14.33
N SER B 90 -34.66 17.75 -14.19
CA SER B 90 -35.53 17.75 -13.06
C SER B 90 -34.95 16.74 -12.08
N VAL B 91 -35.65 16.54 -10.96
CA VAL B 91 -35.22 15.62 -9.94
C VAL B 91 -36.21 14.48 -9.75
N LEU B 92 -35.73 13.24 -9.78
CA LEU B 92 -36.62 12.08 -9.56
C LEU B 92 -36.41 11.67 -8.11
N PHE B 93 -37.51 11.48 -7.40
CA PHE B 93 -37.48 11.08 -6.00
C PHE B 93 -38.32 9.81 -5.81
N ALA B 94 -37.66 8.77 -5.32
CA ALA B 94 -38.30 7.46 -5.11
C ALA B 94 -38.94 7.36 -3.76
N MET B 95 -40.25 7.16 -3.74
CA MET B 95 -40.97 7.04 -2.46
C MET B 95 -41.09 5.60 -1.97
N TYR B 96 -41.92 4.82 -2.67
CA TYR B 96 -42.16 3.42 -2.31
C TYR B 96 -40.85 2.64 -2.41
N GLY B 97 -40.88 1.37 -2.06
CA GLY B 97 -39.67 0.56 -2.13
C GLY B 97 -38.50 1.31 -1.50
N SER B 98 -37.42 1.52 -2.26
CA SER B 98 -36.25 2.24 -1.76
C SER B 98 -36.62 3.74 -1.63
N ILE B 99 -36.63 4.24 -0.40
CA ILE B 99 -37.04 5.61 -0.15
C ILE B 99 -35.88 6.57 -0.09
N GLY B 100 -36.05 7.71 -0.75
CA GLY B 100 -35.00 8.72 -0.73
C GLY B 100 -34.08 8.74 -1.93
N GLU B 101 -34.13 7.69 -2.73
CA GLU B 101 -33.30 7.60 -3.91
C GLU B 101 -33.68 8.69 -4.89
N THR B 102 -32.70 9.48 -5.27
CA THR B 102 -32.95 10.56 -6.22
C THR B 102 -31.97 10.53 -7.39
N ALA B 103 -32.37 11.19 -8.45
CA ALA B 103 -31.52 11.32 -9.63
C ALA B 103 -31.99 12.51 -10.47
N ILE B 104 -31.04 13.10 -11.18
CA ILE B 104 -31.33 14.19 -12.08
C ILE B 104 -31.37 13.55 -13.47
N ASN B 105 -32.53 13.64 -14.11
CA ASN B 105 -32.72 13.04 -15.43
C ASN B 105 -32.08 13.92 -16.53
N LYS B 106 -31.06 13.42 -17.26
CA LYS B 106 -30.43 14.23 -18.32
C LYS B 106 -31.31 14.24 -19.55
N ILE B 107 -32.23 13.29 -19.59
CA ILE B 107 -33.16 13.18 -20.70
C ILE B 107 -34.62 13.20 -20.26
N GLU B 108 -35.52 13.52 -21.19
CA GLU B 108 -36.92 13.54 -20.83
C GLU B 108 -37.35 12.11 -20.54
N VAL B 109 -38.16 11.95 -19.50
CA VAL B 109 -38.66 10.63 -19.13
C VAL B 109 -40.05 10.70 -18.50
N ALA B 110 -40.59 9.50 -18.24
CA ALA B 110 -41.86 9.32 -17.55
C ALA B 110 -41.57 8.26 -16.49
N THR B 111 -42.09 8.46 -15.29
CA THR B 111 -41.85 7.48 -14.22
C THR B 111 -43.12 6.69 -13.79
N ASN B 112 -42.99 5.78 -12.85
CA ASN B 112 -44.14 5.03 -12.38
C ASN B 112 -44.66 5.74 -11.14
N GLN B 113 -45.76 5.24 -10.57
CA GLN B 113 -46.39 5.84 -9.37
C GLN B 113 -45.48 5.85 -8.14
N ALA B 114 -44.45 5.01 -8.12
CA ALA B 114 -43.56 4.97 -6.97
C ALA B 114 -42.51 6.09 -7.04
N ILE B 115 -42.44 6.78 -8.17
CA ILE B 115 -41.44 7.82 -8.27
C ILE B 115 -42.07 9.20 -8.44
N LEU B 116 -41.52 10.17 -7.76
CA LEU B 116 -42.03 11.54 -7.90
C LEU B 116 -41.20 12.37 -8.91
N GLY B 117 -41.88 13.10 -9.77
CA GLY B 117 -41.20 13.97 -10.72
C GLY B 117 -41.26 15.37 -10.12
N ILE B 118 -40.10 15.94 -9.79
CA ILE B 118 -40.00 17.27 -9.18
C ILE B 118 -39.29 18.28 -10.06
N ILE B 119 -40.02 19.32 -10.42
CA ILE B 119 -39.52 20.42 -11.24
C ILE B 119 -39.50 21.70 -10.41
N PRO B 120 -38.31 22.17 -10.02
CA PRO B 120 -38.13 23.37 -9.23
C PRO B 120 -38.42 24.65 -10.05
N LYS B 121 -38.79 25.74 -9.37
CA LYS B 121 -39.08 27.02 -10.05
C LYS B 121 -37.80 27.69 -10.55
N ASP B 122 -37.79 28.13 -11.80
CA ASP B 122 -36.60 28.79 -12.34
C ASP B 122 -36.22 30.04 -11.53
N ASN B 123 -34.93 30.24 -11.33
CA ASN B 123 -34.40 31.41 -10.61
C ASN B 123 -34.72 31.36 -9.12
N ILE B 124 -35.36 30.28 -8.69
CA ILE B 124 -35.70 30.15 -7.29
C ILE B 124 -34.92 29.02 -6.65
N LEU B 125 -34.97 27.86 -7.29
CA LEU B 125 -34.29 26.69 -6.77
C LEU B 125 -33.61 25.92 -7.90
N GLU B 126 -32.35 25.59 -7.67
CA GLU B 126 -31.57 24.82 -8.64
C GLU B 126 -31.70 23.31 -8.40
N SER B 127 -32.05 22.54 -9.44
CA SER B 127 -32.12 21.10 -9.35
C SER B 127 -30.83 20.50 -8.71
N GLU B 128 -29.66 20.97 -9.12
CA GLU B 128 -28.43 20.43 -8.57
C GLU B 128 -28.43 20.61 -7.04
N PHE B 129 -28.82 21.80 -6.62
CA PHE B 129 -28.84 22.11 -5.21
C PHE B 129 -29.86 21.23 -4.49
N LEU B 130 -31.04 21.05 -5.08
CA LEU B 130 -32.07 20.25 -4.50
C LEU B 130 -31.59 18.79 -4.37
N TYR B 131 -31.05 18.24 -5.45
CA TYR B 131 -30.51 16.89 -5.45
C TYR B 131 -29.60 16.66 -4.22
N TYR B 132 -28.70 17.59 -3.98
CA TYR B 132 -27.81 17.42 -2.85
C TYR B 132 -28.44 17.59 -1.48
N ILE B 133 -29.49 18.41 -1.39
CA ILE B 133 -30.15 18.62 -0.12
C ILE B 133 -30.90 17.32 0.22
N LEU B 134 -31.51 16.73 -0.79
CA LEU B 134 -32.22 15.49 -0.60
C LEU B 134 -31.23 14.36 -0.27
N ALA B 135 -30.00 14.45 -0.80
CA ALA B 135 -29.03 13.40 -0.52
C ALA B 135 -28.70 13.42 0.99
N LYS B 136 -28.56 14.62 1.54
CA LYS B 136 -28.27 14.79 2.96
C LYS B 136 -29.41 14.29 3.85
N ASN B 137 -30.65 14.41 3.39
CA ASN B 137 -31.79 13.98 4.18
C ASN B 137 -32.31 12.57 3.87
N LYS B 138 -31.59 11.88 2.98
CA LYS B 138 -31.98 10.53 2.58
C LYS B 138 -32.34 9.66 3.79
N ASN B 139 -31.42 9.54 4.73
CA ASN B 139 -31.71 8.70 5.88
C ASN B 139 -32.93 9.15 6.67
N TYR B 140 -33.03 10.45 6.85
CA TYR B 140 -34.13 10.98 7.60
C TYR B 140 -35.44 10.60 6.94
N TYR B 141 -35.58 10.91 5.65
CA TYR B 141 -36.81 10.60 4.93
C TYR B 141 -37.11 9.10 5.00
N SER B 142 -36.04 8.32 5.02
CA SER B 142 -36.16 6.89 5.06
C SER B 142 -36.75 6.43 6.39
N LYS B 143 -36.27 7.03 7.47
CA LYS B 143 -36.78 6.71 8.78
C LYS B 143 -38.24 7.12 8.87
N LEU B 144 -38.57 8.27 8.31
CA LEU B 144 -39.96 8.74 8.39
C LEU B 144 -40.87 7.79 7.65
N GLY B 145 -40.26 6.99 6.79
CA GLY B 145 -41.02 6.02 6.00
C GLY B 145 -41.03 4.69 6.70
N MET B 146 -39.96 4.42 7.44
CA MET B 146 -39.82 3.17 8.19
C MET B 146 -40.96 3.06 9.20
N GLN B 147 -41.62 4.17 9.48
CA GLN B 147 -42.69 4.20 10.46
C GLN B 147 -43.93 4.84 9.89
N THR B 148 -44.88 5.15 10.75
CA THR B 148 -46.12 5.80 10.34
C THR B 148 -46.94 5.01 9.32
N THR B 149 -47.80 4.13 9.83
CA THR B 149 -48.70 3.30 9.02
C THR B 149 -47.99 2.34 8.07
N GLN B 150 -46.66 2.49 7.93
CA GLN B 150 -45.89 1.63 7.04
C GLN B 150 -46.28 1.82 5.57
N LYS B 151 -46.88 2.97 5.26
CA LYS B 151 -47.31 3.31 3.89
C LYS B 151 -46.18 3.93 3.04
N ASN B 152 -45.19 4.48 3.73
CA ASN B 152 -44.05 5.13 3.10
C ASN B 152 -44.47 6.52 2.69
N LEU B 153 -43.54 7.26 2.10
CA LEU B 153 -43.84 8.62 1.69
C LEU B 153 -44.80 8.67 0.53
N ASN B 154 -45.34 9.86 0.29
CA ASN B 154 -46.27 10.17 -0.82
C ASN B 154 -46.18 11.67 -1.20
N ALA B 155 -46.73 12.02 -2.36
CA ALA B 155 -46.69 13.40 -2.89
C ALA B 155 -46.93 14.46 -1.82
N GLN B 156 -48.08 14.37 -1.15
CA GLN B 156 -48.39 15.33 -0.11
C GLN B 156 -47.30 15.46 0.96
N ILE B 157 -46.77 14.34 1.44
CA ILE B 157 -45.74 14.42 2.44
C ILE B 157 -44.46 15.08 1.87
N VAL B 158 -44.07 14.69 0.66
CA VAL B 158 -42.84 15.23 0.08
C VAL B 158 -42.89 16.76 -0.07
N LYS B 159 -44.02 17.23 -0.58
CA LYS B 159 -44.23 18.65 -0.79
C LYS B 159 -44.31 19.43 0.49
N SER B 160 -44.18 18.74 1.62
CA SER B 160 -44.29 19.41 2.91
C SER B 160 -43.02 19.62 3.69
N PHE B 161 -41.94 18.93 3.35
CA PHE B 161 -40.75 19.12 4.16
C PHE B 161 -39.97 20.40 3.85
N LYS B 162 -39.24 20.86 4.86
CA LYS B 162 -38.52 22.08 4.78
C LYS B 162 -37.11 21.86 4.33
N ILE B 163 -36.61 22.79 3.52
CA ILE B 163 -35.25 22.78 3.00
C ILE B 163 -34.65 24.20 3.09
N PRO B 164 -33.34 24.28 3.25
CA PRO B 164 -32.72 25.60 3.35
C PRO B 164 -32.65 26.20 1.96
N LEU B 165 -33.19 27.40 1.81
CA LEU B 165 -33.17 28.06 0.52
C LEU B 165 -32.24 29.25 0.54
N PRO B 166 -30.99 29.05 0.10
CA PRO B 166 -30.00 30.13 0.07
C PRO B 166 -30.15 30.95 -1.22
N PRO B 167 -29.48 32.12 -1.30
CA PRO B 167 -29.56 32.96 -2.52
C PRO B 167 -29.11 32.06 -3.71
N LEU B 168 -29.78 32.19 -4.86
CA LEU B 168 -29.46 31.45 -6.08
C LEU B 168 -27.97 31.23 -6.33
N GLU B 169 -27.19 32.30 -6.30
CA GLU B 169 -25.76 32.18 -6.53
C GLU B 169 -25.05 31.20 -5.62
N GLU B 170 -25.42 31.20 -4.33
CA GLU B 170 -24.81 30.28 -3.38
C GLU B 170 -25.30 28.85 -3.68
N GLN B 171 -26.52 28.70 -4.18
CA GLN B 171 -27.05 27.39 -4.52
C GLN B 171 -26.16 26.79 -5.59
N LYS B 172 -25.95 27.53 -6.68
CA LYS B 172 -25.13 27.05 -7.79
C LYS B 172 -23.71 26.70 -7.35
N GLN B 173 -23.08 27.60 -6.59
CA GLN B 173 -21.72 27.39 -6.15
C GLN B 173 -21.60 26.20 -5.24
N ILE B 174 -22.56 26.05 -4.33
CA ILE B 174 -22.50 24.92 -3.41
C ILE B 174 -22.54 23.65 -4.23
N ALA B 175 -23.52 23.58 -5.11
CA ALA B 175 -23.73 22.43 -5.97
C ALA B 175 -22.50 22.12 -6.82
N LYS B 176 -21.85 23.17 -7.33
CA LYS B 176 -20.68 23.03 -8.17
C LYS B 176 -19.54 22.34 -7.40
N ILE B 177 -19.29 22.82 -6.19
CA ILE B 177 -18.26 22.26 -5.37
C ILE B 177 -18.57 20.77 -5.10
N LEU B 178 -19.82 20.46 -4.75
CA LEU B 178 -20.17 19.10 -4.41
C LEU B 178 -20.16 18.24 -5.64
N THR B 179 -20.39 18.89 -6.78
CA THR B 179 -20.42 18.21 -8.06
C THR B 179 -19.01 17.82 -8.48
N LYS B 180 -18.01 18.60 -8.09
CA LYS B 180 -16.66 18.26 -8.48
C LYS B 180 -16.13 17.12 -7.60
N ILE B 181 -16.48 17.14 -6.33
CA ILE B 181 -16.08 16.07 -5.43
C ILE B 181 -16.73 14.75 -5.88
N ASP B 182 -17.95 14.82 -6.41
CA ASP B 182 -18.62 13.62 -6.83
C ASP B 182 -17.91 13.04 -8.03
N GLU B 183 -17.36 13.93 -8.86
CA GLU B 183 -16.65 13.48 -10.05
C GLU B 183 -15.34 12.83 -9.61
N GLY B 184 -14.72 13.43 -8.61
CA GLY B 184 -13.47 12.91 -8.10
C GLY B 184 -13.63 11.50 -7.59
N ILE B 185 -14.77 11.21 -6.96
CA ILE B 185 -15.04 9.89 -6.42
C ILE B 185 -15.26 8.90 -7.56
N GLU B 186 -15.86 9.38 -8.64
CA GLU B 186 -16.15 8.52 -9.78
C GLU B 186 -14.87 8.17 -10.50
N ILE B 187 -13.97 9.15 -10.59
CA ILE B 187 -12.70 8.91 -11.23
C ILE B 187 -11.94 7.81 -10.44
N ILE B 188 -11.85 7.95 -9.11
CA ILE B 188 -11.17 6.92 -8.37
C ILE B 188 -11.83 5.56 -8.59
N GLU B 189 -13.13 5.51 -8.42
CA GLU B 189 -13.88 4.28 -8.65
C GLU B 189 -13.54 3.67 -10.04
N LYS B 190 -13.46 4.50 -11.07
CA LYS B 190 -13.14 3.94 -12.38
C LYS B 190 -11.74 3.36 -12.32
N SER B 191 -10.88 3.95 -11.52
CA SER B 191 -9.52 3.47 -11.40
C SER B 191 -9.46 2.09 -10.71
N ILE B 192 -10.21 1.96 -9.62
CA ILE B 192 -10.26 0.73 -8.89
C ILE B 192 -10.71 -0.42 -9.79
N ASN B 193 -11.79 -0.22 -10.52
CA ASN B 193 -12.32 -1.27 -11.40
C ASN B 193 -11.31 -1.69 -12.43
N LYS B 194 -10.56 -0.75 -12.96
CA LYS B 194 -9.59 -1.15 -13.95
C LYS B 194 -8.50 -1.99 -13.28
N LEU B 195 -8.06 -1.54 -12.11
CA LEU B 195 -7.02 -2.23 -11.40
C LEU B 195 -7.50 -3.64 -11.08
N GLU B 196 -8.78 -3.76 -10.73
CA GLU B 196 -9.35 -5.03 -10.39
C GLU B 196 -9.27 -5.98 -11.58
N ARG B 197 -9.55 -5.46 -12.77
CA ARG B 197 -9.51 -6.28 -13.96
C ARG B 197 -8.10 -6.72 -14.26
N ILE B 198 -7.13 -5.82 -14.08
CA ILE B 198 -5.74 -6.15 -14.33
C ILE B 198 -5.29 -7.24 -13.38
N LYS B 199 -5.76 -7.16 -12.14
CA LYS B 199 -5.43 -8.12 -11.11
C LYS B 199 -5.91 -9.50 -11.46
N LYS B 200 -7.21 -9.58 -11.79
CA LYS B 200 -7.82 -10.85 -12.14
C LYS B 200 -7.02 -11.52 -13.21
N GLY B 201 -6.67 -10.80 -14.28
CA GLY B 201 -5.87 -11.41 -15.35
C GLY B 201 -4.51 -11.94 -14.88
N LEU B 202 -3.70 -11.11 -14.22
CA LEU B 202 -2.39 -11.57 -13.81
C LEU B 202 -2.45 -12.65 -12.74
N MET B 203 -3.54 -12.66 -11.99
CA MET B 203 -3.66 -13.65 -10.96
C MET B 203 -3.85 -15.06 -11.54
N HIS B 204 -4.63 -15.15 -12.59
CA HIS B 204 -4.92 -16.39 -13.29
C HIS B 204 -3.61 -16.97 -13.84
N LYS B 205 -2.78 -16.10 -14.41
CA LYS B 205 -1.55 -16.55 -15.00
C LYS B 205 -0.50 -16.98 -13.98
N LEU B 206 -0.43 -16.25 -12.88
CA LEU B 206 0.54 -16.56 -11.83
C LEU B 206 0.20 -17.87 -11.15
N LEU B 207 -1.08 -18.08 -10.85
CA LEU B 207 -1.53 -19.26 -10.16
C LEU B 207 -1.57 -20.53 -11.01
N THR B 208 -1.45 -20.39 -12.33
CA THR B 208 -1.48 -21.55 -13.21
C THR B 208 -0.18 -21.75 -13.99
N LYS B 209 0.62 -20.69 -14.16
CA LYS B 209 1.90 -20.80 -14.88
C LYS B 209 3.11 -20.41 -14.07
N GLY B 210 2.98 -20.00 -12.82
CA GLY B 210 4.19 -19.61 -12.09
C GLY B 210 4.89 -18.36 -12.61
N ILE B 211 6.17 -18.20 -12.32
CA ILE B 211 6.88 -17.03 -12.76
C ILE B 211 8.15 -17.46 -13.47
N GLY B 212 8.36 -16.90 -14.67
CA GLY B 212 9.52 -17.18 -15.50
C GLY B 212 9.86 -18.62 -15.81
N HIS B 213 8.86 -19.45 -16.06
CA HIS B 213 9.12 -20.83 -16.37
C HIS B 213 9.17 -21.02 -17.86
N SER B 214 9.87 -22.05 -18.29
CA SER B 214 9.97 -22.36 -19.71
C SER B 214 9.51 -23.80 -19.97
N ARG B 215 9.62 -24.69 -18.97
CA ARG B 215 9.17 -26.09 -19.17
C ARG B 215 7.80 -26.33 -18.50
N PHE B 216 6.90 -26.92 -19.25
CA PHE B 216 5.57 -27.16 -18.75
C PHE B 216 5.12 -28.60 -19.01
N LYS B 217 3.92 -28.94 -18.58
CA LYS B 217 3.38 -30.29 -18.83
C LYS B 217 1.88 -30.20 -18.59
N LYS B 218 1.15 -31.16 -19.15
CA LYS B 218 -0.34 -31.24 -19.00
C LYS B 218 -0.61 -32.04 -17.74
N SER B 219 -1.63 -31.62 -17.01
CA SER B 219 -1.96 -32.26 -15.75
C SER B 219 -3.42 -32.09 -15.49
N GLU B 220 -3.91 -32.79 -14.48
CA GLU B 220 -5.31 -32.71 -14.09
C GLU B 220 -5.78 -31.30 -13.81
N ILE B 221 -4.86 -30.38 -13.55
CA ILE B 221 -5.26 -29.00 -13.26
C ILE B 221 -4.79 -28.00 -14.31
N GLY B 222 -4.56 -28.49 -15.53
CA GLY B 222 -4.14 -27.62 -16.58
C GLY B 222 -2.66 -27.74 -16.91
N GLU B 223 -2.22 -26.87 -17.83
CA GLU B 223 -0.84 -26.83 -18.29
C GLU B 223 -0.07 -26.09 -17.20
N ILE B 224 0.68 -26.87 -16.44
CA ILE B 224 1.43 -26.41 -15.30
C ILE B 224 2.93 -26.53 -15.52
N PRO B 225 3.72 -25.78 -14.73
CA PRO B 225 5.17 -25.87 -14.89
C PRO B 225 5.57 -27.31 -14.57
N GLU B 226 6.50 -27.82 -15.37
CA GLU B 226 7.03 -29.15 -15.21
C GLU B 226 7.56 -29.40 -13.77
N ASP B 227 8.22 -28.40 -13.18
CA ASP B 227 8.76 -28.51 -11.83
C ASP B 227 7.70 -28.55 -10.71
N TRP B 228 6.44 -28.26 -11.05
CA TRP B 228 5.37 -28.28 -10.04
C TRP B 228 4.77 -29.69 -9.88
N GLU B 229 4.33 -30.02 -8.68
CA GLU B 229 3.74 -31.31 -8.46
C GLU B 229 2.27 -31.17 -8.15
N VAL B 230 1.48 -32.18 -8.49
CA VAL B 230 0.05 -32.12 -8.19
C VAL B 230 -0.29 -33.03 -7.05
N PHE B 231 -0.93 -32.45 -6.05
CA PHE B 231 -1.31 -33.16 -4.86
C PHE B 231 -2.78 -32.90 -4.54
N GLU B 232 -3.30 -33.63 -3.57
CA GLU B 232 -4.64 -33.48 -3.10
C GLU B 232 -4.46 -32.67 -1.82
N ILE B 233 -5.50 -31.94 -1.42
CA ILE B 233 -5.40 -31.14 -0.23
C ILE B 233 -5.01 -31.99 0.97
N LYS B 234 -5.60 -33.18 1.11
CA LYS B 234 -5.29 -34.07 2.27
C LYS B 234 -3.84 -34.50 2.30
N ASP B 235 -3.16 -34.45 1.15
CA ASP B 235 -1.74 -34.84 1.14
C ASP B 235 -0.89 -33.80 1.86
N ILE B 236 -1.28 -32.53 1.74
CA ILE B 236 -0.52 -31.42 2.31
C ILE B 236 -1.09 -30.86 3.61
N PHE B 237 -2.41 -30.82 3.73
CA PHE B 237 -3.04 -30.28 4.91
C PHE B 237 -3.93 -31.32 5.58
N GLU B 238 -4.44 -30.92 6.74
CA GLU B 238 -5.34 -31.68 7.57
C GLU B 238 -6.60 -30.83 7.54
N VAL B 239 -7.75 -31.40 7.20
CA VAL B 239 -9.00 -30.64 7.18
C VAL B 239 -9.68 -30.79 8.51
N LYS B 240 -9.84 -29.66 9.22
CA LYS B 240 -10.49 -29.61 10.54
C LYS B 240 -11.95 -29.09 10.41
N THR B 241 -12.82 -29.59 11.27
CA THR B 241 -14.22 -29.18 11.25
C THR B 241 -14.60 -28.38 12.48
N GLY B 242 -15.82 -27.85 12.47
CA GLY B 242 -16.31 -27.09 13.61
C GLY B 242 -17.80 -27.32 13.85
N THR B 243 -18.32 -26.75 14.93
CA THR B 243 -19.75 -26.87 15.24
C THR B 243 -20.27 -25.61 15.90
N THR B 244 -21.54 -25.63 16.23
CA THR B 244 -22.15 -24.47 16.87
C THR B 244 -22.62 -24.86 18.28
N PRO B 245 -21.82 -24.53 19.32
CA PRO B 245 -22.21 -24.86 20.69
C PRO B 245 -23.62 -24.35 21.01
N SER B 246 -24.47 -25.26 21.51
CA SER B 246 -25.87 -24.93 21.84
C SER B 246 -26.03 -23.54 22.39
N THR B 247 -26.85 -22.74 21.73
CA THR B 247 -27.11 -21.38 22.15
C THR B 247 -27.83 -21.36 23.52
N LYS B 248 -28.63 -22.39 23.77
CA LYS B 248 -29.36 -22.49 25.03
C LYS B 248 -28.37 -22.42 26.20
N LYS B 249 -27.55 -23.45 26.33
CA LYS B 249 -26.56 -23.47 27.40
C LYS B 249 -25.66 -22.25 27.28
N SER B 250 -26.07 -21.16 27.92
CA SER B 250 -25.31 -19.92 27.87
C SER B 250 -23.93 -20.04 28.50
N GLU B 251 -23.64 -21.17 29.15
CA GLU B 251 -22.33 -21.35 29.77
C GLU B 251 -21.23 -21.48 28.70
N TYR B 252 -21.61 -21.27 27.44
CA TYR B 252 -20.70 -21.36 26.30
C TYR B 252 -20.38 -19.98 25.76
N TRP B 253 -21.32 -19.06 25.90
CA TRP B 253 -21.14 -17.70 25.41
C TRP B 253 -20.99 -16.72 26.58
N GLU B 254 -20.32 -17.19 27.63
CA GLU B 254 -20.11 -16.38 28.84
C GLU B 254 -18.88 -15.51 28.66
N ASN B 255 -19.06 -14.34 28.04
CA ASN B 255 -17.95 -13.42 27.81
C ASN B 255 -16.95 -14.06 26.85
N GLY B 256 -17.20 -13.91 25.54
CA GLY B 256 -16.33 -14.46 24.52
C GLY B 256 -14.85 -14.34 24.81
N GLU B 257 -14.11 -15.41 24.53
CA GLU B 257 -12.67 -15.43 24.77
C GLU B 257 -11.95 -15.98 23.53
N ILE B 258 -12.61 -16.91 22.86
CA ILE B 258 -12.07 -17.53 21.66
C ILE B 258 -12.89 -17.12 20.45
N ASN B 259 -12.21 -16.91 19.31
CA ASN B 259 -12.89 -16.51 18.09
C ASN B 259 -13.70 -17.67 17.54
N TRP B 260 -14.80 -17.33 16.88
CA TRP B 260 -15.71 -18.32 16.33
C TRP B 260 -16.17 -17.90 14.93
N ILE B 261 -15.30 -18.09 13.93
CA ILE B 261 -15.59 -17.73 12.54
C ILE B 261 -16.81 -18.45 11.97
N THR B 262 -17.62 -17.74 11.21
CA THR B 262 -18.81 -18.31 10.61
C THR B 262 -18.83 -17.93 9.13
N PRO B 263 -19.61 -18.66 8.31
CA PRO B 263 -19.68 -18.34 6.88
C PRO B 263 -20.07 -16.88 6.62
N LEU B 264 -20.82 -16.30 7.54
CA LEU B 264 -21.26 -14.92 7.38
C LEU B 264 -20.13 -13.97 7.78
N ASP B 265 -19.21 -14.48 8.58
CA ASP B 265 -18.07 -13.72 9.05
C ASP B 265 -17.05 -13.53 7.94
N LEU B 266 -16.78 -14.61 7.20
CA LEU B 266 -15.81 -14.57 6.10
C LEU B 266 -16.32 -13.73 4.94
N SER B 267 -17.63 -13.68 4.77
CA SER B 267 -18.19 -12.91 3.67
C SER B 267 -18.12 -11.39 3.93
N ARG B 268 -17.69 -11.00 5.12
CA ARG B 268 -17.61 -9.60 5.45
C ARG B 268 -16.43 -8.91 4.77
N LEU B 269 -15.22 -9.25 5.19
CA LEU B 269 -14.01 -8.66 4.62
C LEU B 269 -14.03 -8.68 3.10
N ASN B 270 -13.86 -7.50 2.51
CA ASN B 270 -13.90 -7.37 1.06
C ASN B 270 -12.60 -7.80 0.43
N GLU B 271 -12.55 -9.04 -0.04
CA GLU B 271 -11.37 -9.59 -0.69
C GLU B 271 -10.17 -9.75 0.25
N LYS B 272 -10.33 -9.32 1.50
CA LYS B 272 -9.27 -9.45 2.51
C LYS B 272 -8.87 -10.93 2.61
N ILE B 273 -7.57 -11.18 2.63
CA ILE B 273 -7.05 -12.56 2.71
C ILE B 273 -6.74 -12.98 4.15
N TYR B 274 -6.75 -12.02 5.07
CA TYR B 274 -6.47 -12.28 6.48
C TYR B 274 -7.71 -12.04 7.33
N ILE B 275 -7.72 -12.61 8.52
CA ILE B 275 -8.84 -12.44 9.45
C ILE B 275 -8.29 -12.39 10.87
N GLY B 276 -8.64 -11.32 11.59
CA GLY B 276 -8.20 -11.17 12.96
C GLY B 276 -9.16 -11.83 13.93
N SER B 277 -10.28 -11.16 14.24
CA SER B 277 -11.27 -11.72 15.17
C SER B 277 -12.56 -12.03 14.45
N SER B 278 -13.50 -12.57 15.19
CA SER B 278 -14.82 -12.92 14.68
C SER B 278 -15.89 -12.08 15.39
N GLU B 279 -17.10 -12.06 14.83
CA GLU B 279 -18.20 -11.30 15.42
C GLU B 279 -18.59 -11.89 16.79
N ARG B 280 -19.02 -13.14 16.79
CA ARG B 280 -19.43 -13.82 18.02
C ARG B 280 -18.29 -14.72 18.50
N LYS B 281 -18.09 -14.81 19.81
CA LYS B 281 -17.04 -15.64 20.37
C LYS B 281 -17.60 -16.74 21.25
N VAL B 282 -16.72 -17.65 21.67
CA VAL B 282 -17.09 -18.78 22.52
C VAL B 282 -16.17 -18.87 23.74
N THR B 283 -16.55 -19.70 24.70
CA THR B 283 -15.78 -19.86 25.93
C THR B 283 -15.01 -21.18 25.95
N LYS B 284 -14.05 -21.27 26.86
CA LYS B 284 -13.24 -22.47 26.98
C LYS B 284 -14.11 -23.67 27.32
N ILE B 285 -15.15 -23.43 28.12
CA ILE B 285 -16.07 -24.49 28.54
C ILE B 285 -16.68 -25.15 27.31
N ALA B 286 -16.98 -24.33 26.30
CA ALA B 286 -17.59 -24.81 25.07
C ALA B 286 -16.58 -25.53 24.19
N LEU B 287 -15.31 -25.14 24.32
CA LEU B 287 -14.24 -25.75 23.55
C LEU B 287 -13.97 -27.19 23.97
N GLU B 288 -13.96 -27.43 25.28
CA GLU B 288 -13.68 -28.78 25.76
C GLU B 288 -14.94 -29.56 26.05
N LYS B 289 -16.09 -29.06 25.60
CA LYS B 289 -17.34 -29.75 25.83
C LYS B 289 -18.07 -29.94 24.49
N CYS B 290 -17.61 -29.23 23.47
CA CYS B 290 -18.19 -29.31 22.13
C CYS B 290 -17.15 -29.76 21.11
N ASN B 291 -17.61 -30.19 19.94
CA ASN B 291 -16.69 -30.65 18.92
C ASN B 291 -16.09 -29.47 18.13
N LEU B 292 -15.34 -28.63 18.84
CA LEU B 292 -14.67 -27.49 18.23
C LEU B 292 -13.18 -27.72 18.00
N ASN B 293 -12.65 -27.16 16.93
CA ASN B 293 -11.22 -27.30 16.66
C ASN B 293 -10.57 -25.93 16.57
N LEU B 294 -9.68 -25.66 17.51
CA LEU B 294 -8.95 -24.38 17.54
C LEU B 294 -7.69 -24.52 16.71
N ILE B 295 -7.73 -24.03 15.48
CA ILE B 295 -6.57 -24.09 14.60
C ILE B 295 -5.66 -22.87 14.82
N PRO B 296 -4.34 -23.08 14.82
CA PRO B 296 -3.33 -22.03 15.02
C PRO B 296 -3.27 -20.95 13.96
N LYS B 297 -2.72 -19.80 14.31
CA LYS B 297 -2.62 -18.71 13.37
C LYS B 297 -1.89 -19.17 12.10
N GLY B 298 -2.15 -18.53 10.98
CA GLY B 298 -1.51 -18.95 9.77
C GLY B 298 -2.34 -19.99 9.07
N SER B 299 -3.26 -20.61 9.79
CA SER B 299 -4.09 -21.62 9.17
C SER B 299 -5.09 -21.02 8.20
N ILE B 300 -5.66 -21.86 7.34
CA ILE B 300 -6.61 -21.38 6.36
C ILE B 300 -8.03 -21.71 6.80
N ILE B 301 -8.95 -20.80 6.51
CA ILE B 301 -10.33 -21.01 6.88
C ILE B 301 -11.13 -20.78 5.63
N ILE B 302 -12.03 -21.72 5.33
CA ILE B 302 -12.85 -21.60 4.16
C ILE B 302 -14.31 -21.85 4.50
N SER B 303 -15.19 -21.17 3.78
CA SER B 303 -16.63 -21.33 4.00
C SER B 303 -17.19 -22.47 3.18
N THR B 304 -17.81 -23.43 3.87
CA THR B 304 -18.43 -24.56 3.21
C THR B 304 -19.97 -24.59 3.35
N ARG B 305 -20.51 -23.57 4.03
CA ARG B 305 -21.95 -23.40 4.32
C ARG B 305 -22.63 -22.71 3.15
N ALA B 306 -23.82 -22.15 3.39
CA ALA B 306 -24.57 -21.47 2.34
C ALA B 306 -23.66 -20.71 1.41
N PRO B 307 -22.92 -19.73 1.95
CA PRO B 307 -22.02 -18.95 1.09
C PRO B 307 -20.67 -19.65 0.88
N VAL B 308 -20.62 -20.60 -0.05
CA VAL B 308 -19.39 -21.35 -0.30
C VAL B 308 -18.42 -20.61 -1.18
N GLY B 309 -17.16 -20.56 -0.75
CA GLY B 309 -16.14 -19.91 -1.58
C GLY B 309 -15.21 -18.95 -0.92
N TYR B 310 -15.59 -18.45 0.25
CA TYR B 310 -14.77 -17.48 0.93
C TYR B 310 -13.61 -18.13 1.57
N VAL B 311 -12.44 -17.53 1.38
CA VAL B 311 -11.19 -18.06 1.92
C VAL B 311 -10.37 -16.99 2.60
N ALA B 312 -9.81 -17.33 3.76
CA ALA B 312 -9.00 -16.40 4.51
C ALA B 312 -7.93 -17.07 5.40
N VAL B 313 -6.86 -16.32 5.70
CA VAL B 313 -5.79 -16.84 6.53
C VAL B 313 -5.91 -16.27 7.93
N LEU B 314 -5.81 -17.15 8.91
CA LEU B 314 -5.93 -16.74 10.29
C LEU B 314 -4.78 -15.88 10.79
N THR B 315 -5.15 -14.80 11.47
CA THR B 315 -4.19 -13.89 12.06
C THR B 315 -3.96 -14.31 13.50
N VAL B 316 -5.02 -14.84 14.10
CA VAL B 316 -4.94 -15.31 15.48
C VAL B 316 -5.75 -16.61 15.59
N GLU B 317 -5.29 -17.52 16.44
CA GLU B 317 -5.97 -18.80 16.62
C GLU B 317 -7.48 -18.60 16.76
N SER B 318 -8.27 -19.60 16.40
CA SER B 318 -9.72 -19.51 16.51
C SER B 318 -10.43 -20.77 16.04
N THR B 319 -11.67 -20.92 16.48
CA THR B 319 -12.48 -22.06 16.09
C THR B 319 -13.48 -21.56 15.07
N PHE B 320 -14.43 -22.41 14.71
CA PHE B 320 -15.40 -22.04 13.70
C PHE B 320 -16.63 -22.95 13.76
N ASN B 321 -17.69 -22.61 13.04
CA ASN B 321 -18.91 -23.40 13.07
C ASN B 321 -18.97 -24.53 12.04
N GLN B 322 -20.12 -25.19 11.99
CA GLN B 322 -20.36 -26.30 11.05
C GLN B 322 -20.30 -25.85 9.60
N GLY B 323 -20.39 -24.55 9.39
CA GLY B 323 -20.38 -24.02 8.02
C GLY B 323 -19.02 -23.66 7.48
N CYS B 324 -17.98 -24.01 8.23
CA CYS B 324 -16.60 -23.73 7.85
C CYS B 324 -15.69 -24.93 8.06
N LYS B 325 -14.60 -24.96 7.31
CA LYS B 325 -13.60 -26.02 7.42
C LYS B 325 -12.27 -25.33 7.56
N GLY B 326 -11.39 -25.93 8.34
CA GLY B 326 -10.08 -25.34 8.53
C GLY B 326 -8.99 -26.20 7.92
N LEU B 327 -7.98 -25.53 7.36
CA LEU B 327 -6.87 -26.22 6.75
C LEU B 327 -5.58 -25.97 7.52
N PHE B 328 -5.11 -26.99 8.24
CA PHE B 328 -3.87 -26.88 9.00
C PHE B 328 -2.75 -27.65 8.23
N GLN B 329 -1.68 -26.98 7.86
CA GLN B 329 -0.63 -27.71 7.16
C GLN B 329 0.04 -28.81 8.01
N LYS B 330 0.29 -29.97 7.40
CA LYS B 330 0.93 -31.09 8.09
C LYS B 330 2.34 -30.73 8.51
N ASN B 331 2.89 -29.71 7.88
CA ASN B 331 4.22 -29.18 8.19
C ASN B 331 4.34 -27.77 7.61
N ASN B 332 4.36 -26.74 8.46
CA ASN B 332 4.46 -25.33 7.99
C ASN B 332 5.88 -24.93 7.62
N ASP B 333 6.48 -25.70 6.73
CA ASP B 333 7.83 -25.46 6.26
C ASP B 333 7.92 -25.88 4.80
N SER B 334 6.83 -26.42 4.31
CA SER B 334 6.80 -26.85 2.93
C SER B 334 5.64 -26.15 2.23
N VAL B 335 4.96 -25.30 2.95
CA VAL B 335 3.84 -24.61 2.38
C VAL B 335 3.69 -23.18 2.83
N ASN B 336 3.19 -22.33 1.93
CA ASN B 336 2.90 -20.93 2.26
C ASN B 336 1.37 -20.80 2.29
N THR B 337 0.79 -20.57 3.45
CA THR B 337 -0.67 -20.55 3.52
C THR B 337 -1.32 -19.49 2.65
N GLU B 338 -0.67 -18.33 2.57
CA GLU B 338 -1.16 -17.21 1.77
C GLU B 338 -1.36 -17.64 0.34
N PHE B 339 -0.37 -18.34 -0.21
CA PHE B 339 -0.42 -18.83 -1.58
C PHE B 339 -1.61 -19.75 -1.77
N TYR B 340 -1.86 -20.63 -0.81
CA TYR B 340 -2.98 -21.53 -0.98
C TYR B 340 -4.29 -20.82 -0.72
N ALA B 341 -4.24 -19.74 0.04
CA ALA B 341 -5.46 -18.99 0.34
C ALA B 341 -5.85 -18.36 -1.02
N TYR B 342 -4.86 -17.78 -1.68
CA TYR B 342 -5.10 -17.21 -2.98
C TYR B 342 -5.56 -18.26 -4.01
N TYR B 343 -4.89 -19.42 -4.03
CA TYR B 343 -5.22 -20.43 -5.02
C TYR B 343 -6.67 -20.88 -4.90
N LEU B 344 -7.11 -21.00 -3.64
CA LEU B 344 -8.47 -21.46 -3.36
C LEU B 344 -9.48 -20.38 -3.77
N LYS B 345 -9.18 -19.10 -3.47
CA LYS B 345 -10.08 -18.05 -3.86
C LYS B 345 -10.20 -18.03 -5.39
N PHE B 346 -9.10 -18.36 -6.03
CA PHE B 346 -9.05 -18.40 -7.48
C PHE B 346 -9.93 -19.52 -8.06
N LYS B 347 -10.10 -20.57 -7.26
CA LYS B 347 -10.90 -21.72 -7.64
C LYS B 347 -12.23 -21.75 -6.90
N LYS B 348 -12.75 -20.59 -6.52
CA LYS B 348 -14.04 -20.48 -5.82
C LYS B 348 -15.18 -21.11 -6.66
N ASN B 349 -15.17 -20.80 -7.95
CA ASN B 349 -16.17 -21.33 -8.84
C ASN B 349 -16.15 -22.88 -8.82
N LEU B 350 -14.97 -23.50 -8.78
CA LEU B 350 -14.95 -24.95 -8.76
C LEU B 350 -15.48 -25.47 -7.44
N LEU B 351 -15.19 -24.76 -6.36
CA LEU B 351 -15.67 -25.22 -5.07
C LEU B 351 -17.18 -25.08 -5.00
N GLU B 352 -17.73 -24.05 -5.64
CA GLU B 352 -19.17 -23.81 -5.65
C GLU B 352 -19.88 -24.96 -6.33
N ASN B 353 -19.37 -25.33 -7.50
CA ASN B 353 -19.91 -26.44 -8.25
C ASN B 353 -19.91 -27.71 -7.43
N LEU B 354 -18.74 -28.14 -6.98
CA LEU B 354 -18.64 -29.35 -6.16
C LEU B 354 -19.69 -29.41 -5.04
N SER B 355 -19.94 -28.26 -4.41
CA SER B 355 -20.90 -28.16 -3.33
C SER B 355 -22.31 -28.11 -3.90
N GLY B 356 -22.40 -27.83 -5.20
CA GLY B 356 -23.69 -27.75 -5.87
C GLY B 356 -24.40 -29.09 -5.93
N GLY B 357 -25.62 -29.07 -6.48
CA GLY B 357 -26.41 -30.27 -6.59
C GLY B 357 -27.87 -30.03 -6.27
N SER B 358 -28.15 -29.60 -5.04
CA SER B 358 -29.51 -29.31 -4.61
C SER B 358 -29.57 -27.92 -3.98
N THR B 359 -30.65 -27.66 -3.24
CA THR B 359 -30.85 -26.36 -2.57
C THR B 359 -29.86 -26.15 -1.44
N PHE B 360 -29.47 -27.24 -0.78
CA PHE B 360 -28.51 -27.17 0.32
C PHE B 360 -27.08 -27.41 -0.16
N LYS B 361 -26.42 -26.34 -0.59
CA LYS B 361 -25.06 -26.42 -1.09
C LYS B 361 -24.07 -26.50 0.07
N GLU B 362 -23.25 -27.53 0.08
CA GLU B 362 -22.24 -27.70 1.13
C GLU B 362 -21.02 -28.46 0.62
N LEU B 363 -19.84 -28.02 1.02
CA LEU B 363 -18.62 -28.68 0.59
C LEU B 363 -18.24 -29.63 1.71
N SER B 364 -18.48 -30.93 1.49
CA SER B 364 -18.14 -31.98 2.50
C SER B 364 -16.65 -32.06 2.80
N LYS B 365 -16.30 -32.71 3.90
CA LYS B 365 -14.90 -32.85 4.27
C LYS B 365 -14.09 -33.63 3.22
N SER B 366 -14.67 -34.70 2.69
CA SER B 366 -13.98 -35.50 1.70
C SER B 366 -13.81 -34.72 0.40
N MET B 367 -14.79 -33.91 0.08
CA MET B 367 -14.72 -33.07 -1.13
C MET B 367 -13.53 -32.08 -1.06
N LEU B 368 -13.33 -31.47 0.10
CA LEU B 368 -12.27 -30.52 0.28
C LEU B 368 -10.90 -31.17 0.24
N GLU B 369 -10.76 -32.26 1.00
CA GLU B 369 -9.45 -32.90 1.05
C GLU B 369 -9.02 -33.61 -0.23
N ASN B 370 -9.97 -33.91 -1.11
CA ASN B 370 -9.71 -34.57 -2.39
C ASN B 370 -9.49 -33.54 -3.51
N PHE B 371 -9.68 -32.26 -3.21
CA PHE B 371 -9.49 -31.23 -4.22
C PHE B 371 -7.99 -31.19 -4.62
N LYS B 372 -7.74 -31.11 -5.93
CA LYS B 372 -6.40 -31.09 -6.49
C LYS B 372 -5.78 -29.71 -6.37
N ILE B 373 -4.51 -29.67 -5.98
CA ILE B 373 -3.79 -28.42 -5.83
C ILE B 373 -2.32 -28.55 -6.23
N PRO B 374 -1.73 -27.46 -6.70
CA PRO B 374 -0.32 -27.37 -7.14
C PRO B 374 0.62 -27.37 -5.94
N LEU B 375 1.83 -27.87 -6.12
CA LEU B 375 2.79 -27.89 -5.03
C LEU B 375 4.10 -27.37 -5.59
N PRO B 376 4.17 -26.05 -5.86
CA PRO B 376 5.36 -25.36 -6.39
C PRO B 376 6.40 -25.40 -5.29
N PRO B 377 7.68 -25.19 -5.64
CA PRO B 377 8.72 -25.18 -4.60
C PRO B 377 8.34 -24.01 -3.66
N LEU B 378 8.68 -24.14 -2.38
CA LEU B 378 8.35 -23.15 -1.40
C LEU B 378 8.64 -21.70 -1.80
N GLU B 379 9.85 -21.46 -2.30
CA GLU B 379 10.24 -20.12 -2.68
C GLU B 379 9.32 -19.48 -3.73
N GLU B 380 8.85 -20.27 -4.70
CA GLU B 380 7.96 -19.71 -5.67
C GLU B 380 6.59 -19.43 -5.01
N GLN B 381 6.17 -20.26 -4.06
CA GLN B 381 4.87 -20.00 -3.42
C GLN B 381 4.88 -18.62 -2.76
N LYS B 382 5.98 -18.29 -2.09
CA LYS B 382 6.13 -17.04 -1.38
C LYS B 382 6.18 -15.88 -2.31
N GLN B 383 6.97 -15.99 -3.36
CA GLN B 383 7.04 -14.89 -4.27
C GLN B 383 5.66 -14.61 -4.86
N ILE B 384 4.98 -15.65 -5.32
CA ILE B 384 3.68 -15.45 -5.90
C ILE B 384 2.70 -14.81 -4.91
N ALA B 385 2.73 -15.27 -3.67
CA ALA B 385 1.83 -14.73 -2.67
C ALA B 385 2.18 -13.26 -2.40
N LYS B 386 3.48 -12.97 -2.36
CA LYS B 386 3.95 -11.63 -2.10
C LYS B 386 3.46 -10.69 -3.21
N ILE B 387 3.59 -11.11 -4.46
CA ILE B 387 3.09 -10.36 -5.57
C ILE B 387 1.56 -10.09 -5.42
N LEU B 388 0.75 -11.14 -5.24
CA LEU B 388 -0.68 -10.94 -5.12
C LEU B 388 -1.02 -10.03 -3.94
N SER B 389 -0.29 -10.21 -2.86
CA SER B 389 -0.53 -9.37 -1.71
C SER B 389 -0.15 -7.90 -2.07
N SER B 390 0.92 -7.74 -2.83
CA SER B 390 1.40 -6.44 -3.22
C SER B 390 0.38 -5.67 -4.10
N VAL B 391 -0.18 -6.33 -5.12
CA VAL B 391 -1.12 -5.61 -5.92
C VAL B 391 -2.36 -5.39 -5.07
N ASP B 392 -2.73 -6.35 -4.24
CA ASP B 392 -3.89 -6.13 -3.39
C ASP B 392 -3.74 -4.84 -2.52
N LYS B 393 -2.53 -4.60 -2.04
CA LYS B 393 -2.25 -3.46 -1.22
C LYS B 393 -2.42 -2.20 -2.06
N SER B 394 -1.96 -2.27 -3.31
CA SER B 394 -2.07 -1.14 -4.22
C SER B 394 -3.48 -0.76 -4.44
N ILE B 395 -4.34 -1.77 -4.56
CA ILE B 395 -5.76 -1.56 -4.76
C ILE B 395 -6.43 -1.03 -3.51
N GLU B 396 -5.97 -1.52 -2.36
CA GLU B 396 -6.50 -1.06 -1.07
C GLU B 396 -6.23 0.43 -0.88
N LEU B 397 -5.02 0.89 -1.26
CA LEU B 397 -4.69 2.30 -1.13
C LEU B 397 -5.66 3.15 -1.97
N LYS B 398 -6.02 2.67 -3.16
CA LYS B 398 -6.95 3.36 -4.02
C LYS B 398 -8.34 3.38 -3.38
N LYS B 399 -8.78 2.25 -2.85
CA LYS B 399 -10.08 2.22 -2.21
C LYS B 399 -10.18 3.19 -1.05
N GLN B 400 -9.13 3.24 -0.26
CA GLN B 400 -9.11 4.12 0.90
C GLN B 400 -9.10 5.56 0.46
N LYS B 401 -8.45 5.84 -0.65
CA LYS B 401 -8.38 7.21 -1.13
C LYS B 401 -9.80 7.67 -1.45
N LYS B 402 -10.61 6.72 -1.92
CA LYS B 402 -12.00 7.01 -2.22
C LYS B 402 -12.80 7.21 -0.93
N GLU B 403 -12.57 6.36 0.07
CA GLU B 403 -13.32 6.46 1.34
C GLU B 403 -13.04 7.80 1.97
N LYS B 404 -11.80 8.24 1.86
CA LYS B 404 -11.40 9.51 2.40
C LYS B 404 -12.08 10.68 1.63
N LEU B 405 -12.29 10.51 0.34
CA LEU B 405 -12.94 11.58 -0.40
C LEU B 405 -14.46 11.58 -0.03
N GLN B 406 -15.02 10.41 0.23
CA GLN B 406 -16.41 10.33 0.60
C GLN B 406 -16.68 10.93 2.00
N ARG B 407 -15.73 10.75 2.92
CA ARG B 407 -15.86 11.27 4.27
C ARG B 407 -15.70 12.78 4.18
N MET B 408 -14.86 13.21 3.24
CA MET B 408 -14.63 14.62 2.98
C MET B 408 -15.93 15.18 2.37
N LYS B 409 -16.58 14.43 1.49
CA LYS B 409 -17.81 14.95 0.91
C LYS B 409 -18.89 15.18 1.99
N LYS B 410 -18.97 14.22 2.92
CA LYS B 410 -19.93 14.32 3.99
C LYS B 410 -19.67 15.54 4.88
N LYS B 411 -18.41 15.79 5.21
CA LYS B 411 -18.05 16.94 6.03
C LYS B 411 -18.34 18.25 5.31
N ILE B 412 -18.07 18.28 4.01
CA ILE B 412 -18.28 19.49 3.24
C ILE B 412 -19.74 19.73 3.00
N MET B 413 -20.50 18.65 2.85
CA MET B 413 -21.94 18.79 2.63
C MET B 413 -22.57 19.38 3.90
N GLU B 414 -22.08 18.92 5.05
CA GLU B 414 -22.55 19.37 6.34
C GLU B 414 -22.30 20.86 6.52
N LEU B 415 -21.10 21.31 6.17
CA LEU B 415 -20.81 22.73 6.30
C LEU B 415 -21.55 23.66 5.33
N LEU B 416 -21.61 23.30 4.05
CA LEU B 416 -22.26 24.19 3.11
C LEU B 416 -23.80 24.09 3.11
N LEU B 417 -24.32 22.90 3.31
CA LEU B 417 -25.74 22.73 3.28
C LEU B 417 -26.42 23.34 4.50
N THR B 418 -25.60 23.77 5.45
CA THR B 418 -26.10 24.45 6.63
C THR B 418 -25.49 25.86 6.72
N GLY B 419 -25.71 26.54 7.83
CA GLY B 419 -25.14 27.86 7.88
C GLY B 419 -23.60 27.84 7.89
N LYS B 420 -23.06 26.98 8.76
CA LYS B 420 -21.63 26.84 9.00
C LYS B 420 -20.71 27.60 8.06
N VAL B 421 -20.63 27.17 6.82
CA VAL B 421 -19.76 27.85 5.87
C VAL B 421 -20.49 28.29 4.62
N ARG B 422 -20.20 29.53 4.22
CA ARG B 422 -20.82 30.15 3.04
C ARG B 422 -19.78 30.37 1.96
N VAL B 423 -20.21 30.40 0.71
CA VAL B 423 -19.30 30.64 -0.39
C VAL B 423 -19.44 32.11 -0.79
N LYS B 424 -18.31 32.76 -1.09
CA LYS B 424 -18.30 34.16 -1.49
C LYS B 424 -18.87 34.28 -2.88
N THR B 425 -19.88 35.12 -3.04
CA THR B 425 -20.52 35.31 -4.34
C THR B 425 -20.53 36.77 -4.74
#